data_4KH5
#
_entry.id   4KH5
#
_cell.length_a   73.537
_cell.length_b   150.250
_cell.length_c   240.967
_cell.angle_alpha   90.00
_cell.angle_beta   90.00
_cell.angle_gamma   90.00
#
_symmetry.space_group_name_H-M   'C 2 2 21'
#
loop_
_entity.id
_entity.type
_entity.pdbx_description
1 polymer 'Nucleoside-triphosphatase 2'
2 non-polymer "5'-O-[(R)-hydroxy(phosphonoamino)phosphoryl]adenosine"
3 non-polymer 'MAGNESIUM ION'
#
_entity_poly.entity_id   1
_entity_poly.type   'polypeptide(L)'
_entity_poly.pdbx_seq_one_letter_code
;MTDSSSLRGVDADTEKRINVGKTHLQTLRNLETRCHDSLQALVVIDAGSSSTRTNVFLAKTRSCPNKGRSIDPDSIQLIR
EGKRFTGLRVVLEEWLDTYAGKDWESRPVDARLLFQYVPQMHEGAKKLMQLLEEDTVAILDSQLNEEQKVQVKALGIPVM
LCSTAGVRDFHEWYRDALFVLLRHLINNPSPAHGYKFFTNPFWTRPITGAEEGLFAFITLNHLSRRLGEDPARSMIDEYG
VKHSRNDLAGVVEVGGASAQIVFPLQEGTVLPSSVRAVNLQRERLLPERYPSADVVSVSFMQLGMASSAGLFLKELCSND
EFLQGGICSNPCLFKGFQQSCSAGEVEVRPDGSASVNEDVRKNRLKPLATYCSVHNPEISFKVTNEMQCRENSIDPTKPL
AERMKIENCSIIEGTGNFDKCVSQVESILVAPKLPLPANIEAASSGFESVDQVFRFASSTAPMFITGREMLASIDTLKDH
RLLRSDFSGDVEELAEAAREFCSSEVIIRTDGPVIQLPNARGEQKLNSLNFDLCKTMALTVSLLRHMAAGENQPSFIKWE
KSIAGPDGKPLADLGWQVGVILHHVLFTEEWGRTAYEAGYSHNLEEHHHHHH
;
_entity_poly.pdbx_strand_id   A,B
#
loop_
_chem_comp.id
_chem_comp.type
_chem_comp.name
_chem_comp.formula
AU1 non-polymer 5'-O-[(R)-hydroxy(phosphonoamino)phosphoryl]adenosine 'C10 H16 N6 O9 P2'
MG non-polymer 'MAGNESIUM ION' 'Mg 2'
#
# COMPACT_ATOMS: atom_id res chain seq x y z
N ASP A 11 15.67 -77.89 -1.52
CA ASP A 11 14.25 -78.09 -1.24
C ASP A 11 13.49 -76.75 -1.09
N ALA A 12 12.20 -76.82 -0.73
CA ALA A 12 11.34 -75.65 -0.54
C ALA A 12 11.70 -74.82 0.71
N ASP A 13 12.27 -75.48 1.75
CA ASP A 13 12.65 -74.83 3.01
C ASP A 13 13.87 -73.92 2.84
N THR A 14 14.91 -74.38 2.09
CA THR A 14 16.13 -73.61 1.86
C THR A 14 15.90 -72.37 0.98
N GLU A 15 14.96 -72.46 0.00
CA GLU A 15 14.59 -71.38 -0.91
C GLU A 15 13.92 -70.23 -0.14
N LYS A 16 13.14 -70.56 0.90
CA LYS A 16 12.46 -69.57 1.76
C LYS A 16 13.46 -68.80 2.61
N ARG A 17 14.58 -69.45 3.01
CA ARG A 17 15.67 -68.85 3.79
C ARG A 17 16.40 -67.82 2.91
N ILE A 18 16.56 -68.17 1.61
CA ILE A 18 17.18 -67.34 0.57
C ILE A 18 16.31 -66.10 0.34
N ASN A 19 14.97 -66.28 0.31
CA ASN A 19 13.99 -65.21 0.13
C ASN A 19 13.95 -64.21 1.29
N VAL A 20 14.25 -64.68 2.52
CA VAL A 20 14.31 -63.83 3.73
C VAL A 20 15.46 -62.83 3.58
N GLY A 21 16.62 -63.32 3.12
CA GLY A 21 17.81 -62.53 2.88
C GLY A 21 17.65 -61.60 1.70
N LYS A 22 16.89 -62.03 0.68
CA LYS A 22 16.57 -61.23 -0.51
C LYS A 22 15.65 -60.06 -0.12
N THR A 23 14.67 -60.33 0.78
CA THR A 23 13.73 -59.34 1.29
C THR A 23 14.47 -58.36 2.21
N HIS A 24 15.42 -58.86 3.02
CA HIS A 24 16.27 -58.09 3.94
C HIS A 24 17.00 -56.99 3.16
N LEU A 25 17.53 -57.34 1.96
CA LEU A 25 18.22 -56.40 1.09
C LEU A 25 17.24 -55.46 0.38
N GLN A 26 16.06 -55.98 -0.02
CA GLN A 26 15.02 -55.20 -0.70
C GLN A 26 14.42 -54.12 0.22
N THR A 27 14.14 -54.49 1.50
CA THR A 27 13.58 -53.59 2.51
C THR A 27 14.57 -52.47 2.82
N LEU A 28 15.86 -52.81 2.91
CA LEU A 28 16.95 -51.88 3.17
C LEU A 28 17.13 -50.92 1.99
N ARG A 29 16.97 -51.43 0.75
CA ARG A 29 17.08 -50.64 -0.49
C ARG A 29 15.91 -49.65 -0.61
N ASN A 30 14.74 -50.00 -0.03
CA ASN A 30 13.54 -49.15 0.00
C ASN A 30 13.82 -47.91 0.84
N LEU A 31 14.41 -48.11 2.05
CA LEU A 31 14.78 -47.05 2.99
C LEU A 31 15.67 -45.97 2.35
N GLU A 32 16.56 -46.39 1.44
CA GLU A 32 17.50 -45.54 0.70
C GLU A 32 16.81 -44.73 -0.40
N THR A 33 15.75 -45.31 -1.02
CA THR A 33 15.01 -44.69 -2.12
C THR A 33 13.74 -43.95 -1.70
N ARG A 34 13.05 -44.44 -0.66
CA ARG A 34 11.79 -43.85 -0.18
C ARG A 34 11.94 -42.56 0.65
N CYS A 35 10.80 -41.96 1.02
CA CYS A 35 10.72 -40.77 1.85
C CYS A 35 10.51 -41.15 3.30
N HIS A 36 11.07 -40.35 4.22
CA HIS A 36 10.93 -40.55 5.66
C HIS A 36 10.25 -39.35 6.31
N ASP A 37 9.21 -39.63 7.11
CA ASP A 37 8.43 -38.62 7.80
C ASP A 37 8.93 -38.37 9.22
N SER A 38 9.12 -37.09 9.55
CA SER A 38 9.56 -36.63 10.86
C SER A 38 8.59 -35.57 11.41
N LEU A 39 8.49 -35.47 12.74
CA LEU A 39 7.61 -34.52 13.40
C LEU A 39 8.35 -33.24 13.80
N GLN A 40 7.79 -32.07 13.44
CA GLN A 40 8.35 -30.76 13.73
C GLN A 40 7.32 -29.87 14.42
N ALA A 41 7.77 -29.11 15.42
CA ALA A 41 6.94 -28.16 16.15
C ALA A 41 7.08 -26.77 15.55
N LEU A 42 5.95 -26.06 15.44
CA LEU A 42 5.91 -24.69 14.90
C LEU A 42 5.28 -23.77 15.94
N VAL A 43 5.94 -22.65 16.24
CA VAL A 43 5.48 -21.71 17.26
C VAL A 43 5.03 -20.37 16.69
N VAL A 44 3.80 -19.96 17.04
CA VAL A 44 3.24 -18.67 16.65
C VAL A 44 2.95 -17.89 17.93
N ILE A 45 3.70 -16.80 18.15
CA ILE A 45 3.49 -15.97 19.32
C ILE A 45 2.55 -14.83 18.95
N ASP A 46 1.29 -14.93 19.40
CA ASP A 46 0.26 -13.93 19.17
C ASP A 46 0.53 -12.75 20.11
N ALA A 47 1.08 -11.67 19.56
CA ALA A 47 1.37 -10.45 20.31
C ALA A 47 0.20 -9.48 20.10
N GLY A 48 -0.95 -9.84 20.70
CA GLY A 48 -2.20 -9.10 20.58
C GLY A 48 -2.30 -7.82 21.37
N SER A 49 -3.50 -7.22 21.35
CA SER A 49 -3.81 -5.97 22.04
C SER A 49 -4.00 -6.18 23.55
N SER A 50 -4.82 -7.19 23.91
CA SER A 50 -5.14 -7.54 25.29
C SER A 50 -3.95 -8.17 26.02
N SER A 51 -3.26 -9.12 25.35
CA SER A 51 -2.15 -9.88 25.93
C SER A 51 -1.31 -10.58 24.86
N THR A 52 -0.09 -11.00 25.23
CA THR A 52 0.82 -11.73 24.35
C THR A 52 0.74 -13.24 24.70
N ARG A 53 0.30 -14.07 23.73
CA ARG A 53 0.09 -15.51 23.90
C ARG A 53 0.96 -16.33 22.95
N THR A 54 1.37 -17.53 23.40
CA THR A 54 2.12 -18.48 22.58
C THR A 54 1.17 -19.55 22.05
N ASN A 55 1.40 -19.98 20.81
CA ASN A 55 0.58 -21.03 20.19
C ASN A 55 1.54 -22.09 19.66
N VAL A 56 1.47 -23.30 20.25
CA VAL A 56 2.33 -24.40 19.86
C VAL A 56 1.60 -25.36 18.92
N PHE A 57 2.13 -25.50 17.69
CA PHE A 57 1.57 -26.36 16.64
C PHE A 57 2.51 -27.51 16.33
N LEU A 58 1.96 -28.64 15.87
CA LEU A 58 2.71 -29.81 15.42
C LEU A 58 2.41 -30.06 13.95
N ALA A 59 3.42 -30.45 13.18
CA ALA A 59 3.29 -30.72 11.75
C ALA A 59 4.19 -31.86 11.33
N LYS A 60 3.77 -32.60 10.29
CA LYS A 60 4.53 -33.72 9.75
C LYS A 60 5.37 -33.24 8.55
N THR A 61 6.70 -33.40 8.66
CA THR A 61 7.65 -33.05 7.59
C THR A 61 7.96 -34.31 6.79
N ARG A 62 8.22 -34.16 5.49
CA ARG A 62 8.56 -35.28 4.62
C ARG A 62 9.86 -35.01 3.89
N SER A 63 10.89 -35.84 4.15
CA SER A 63 12.18 -35.74 3.48
C SER A 63 12.30 -36.84 2.42
N CYS A 64 12.46 -36.42 1.16
CA CYS A 64 12.59 -37.34 0.02
C CYS A 64 13.98 -37.21 -0.61
N PRO A 65 14.60 -38.32 -1.07
CA PRO A 65 15.94 -38.21 -1.70
C PRO A 65 15.90 -37.35 -2.96
N ASN A 66 16.84 -36.38 -3.05
CA ASN A 66 16.98 -35.39 -4.14
C ASN A 66 15.79 -34.42 -4.29
N LYS A 67 14.75 -34.53 -3.44
CA LYS A 67 13.55 -33.67 -3.47
C LYS A 67 13.48 -32.67 -2.31
N GLY A 68 14.25 -32.91 -1.25
CA GLY A 68 14.32 -32.04 -0.08
C GLY A 68 13.33 -32.37 1.01
N ARG A 69 13.03 -31.37 1.88
CA ARG A 69 12.11 -31.49 3.01
C ARG A 69 10.99 -30.46 2.92
N SER A 70 9.74 -30.89 3.14
CA SER A 70 8.56 -30.01 3.10
C SER A 70 7.47 -30.45 4.08
N ILE A 71 6.74 -29.48 4.63
CA ILE A 71 5.66 -29.70 5.58
C ILE A 71 4.36 -30.06 4.84
N ASP A 72 3.62 -31.03 5.40
CA ASP A 72 2.30 -31.42 4.90
C ASP A 72 1.32 -30.36 5.47
N PRO A 73 0.69 -29.51 4.61
CA PRO A 73 -0.20 -28.46 5.14
C PRO A 73 -1.39 -28.96 5.96
N ASP A 74 -1.94 -30.13 5.59
CA ASP A 74 -3.08 -30.75 6.26
C ASP A 74 -2.72 -31.47 7.57
N SER A 75 -1.41 -31.57 7.89
CA SER A 75 -0.91 -32.20 9.12
C SER A 75 -0.76 -31.20 10.28
N ILE A 76 -0.88 -29.88 9.97
CA ILE A 76 -0.78 -28.79 10.94
C ILE A 76 -1.92 -28.84 11.96
N GLN A 77 -1.57 -29.12 13.23
CA GLN A 77 -2.51 -29.20 14.34
C GLN A 77 -2.00 -28.45 15.57
N LEU A 78 -2.88 -27.66 16.20
CA LEU A 78 -2.59 -26.89 17.41
C LEU A 78 -2.57 -27.81 18.62
N ILE A 79 -1.50 -27.76 19.42
CA ILE A 79 -1.35 -28.55 20.64
C ILE A 79 -2.11 -27.84 21.75
N ARG A 80 -1.73 -26.57 22.04
CA ARG A 80 -2.33 -25.75 23.09
C ARG A 80 -2.01 -24.27 22.88
N GLU A 81 -2.94 -23.40 23.31
CA GLU A 81 -2.75 -21.94 23.32
C GLU A 81 -2.24 -21.63 24.72
N GLY A 82 -1.08 -21.00 24.80
CA GLY A 82 -0.43 -20.66 26.06
C GLY A 82 -1.08 -19.58 26.91
N LYS A 83 -0.49 -19.33 28.10
CA LYS A 83 -0.91 -18.33 29.08
C LYS A 83 -0.91 -16.93 28.49
N ARG A 84 -1.87 -16.10 28.94
CA ARG A 84 -2.03 -14.72 28.47
C ARG A 84 -1.13 -13.76 29.25
N PHE A 85 0.10 -13.52 28.73
CA PHE A 85 1.12 -12.67 29.35
C PHE A 85 0.98 -11.18 29.01
N THR A 86 1.99 -10.34 29.35
CA THR A 86 1.98 -8.89 29.12
C THR A 86 2.02 -8.54 27.63
N GLY A 87 1.14 -7.62 27.22
CA GLY A 87 1.05 -7.14 25.85
C GLY A 87 2.21 -6.22 25.51
N LEU A 88 2.60 -6.20 24.21
CA LEU A 88 3.71 -5.39 23.72
C LEU A 88 3.52 -3.87 23.93
N ARG A 89 2.25 -3.39 24.00
CA ARG A 89 1.94 -1.98 24.28
C ARG A 89 2.37 -1.63 25.69
N VAL A 90 1.96 -2.45 26.68
CA VAL A 90 2.27 -2.29 28.11
C VAL A 90 3.79 -2.29 28.34
N VAL A 91 4.52 -3.21 27.67
CA VAL A 91 5.99 -3.31 27.73
C VAL A 91 6.63 -1.96 27.32
N LEU A 92 6.25 -1.45 26.12
CA LEU A 92 6.76 -0.19 25.58
C LEU A 92 6.34 1.03 26.43
N GLU A 93 5.09 1.02 26.94
CA GLU A 93 4.55 2.10 27.76
C GLU A 93 5.21 2.17 29.14
N GLU A 94 5.63 1.00 29.69
CA GLU A 94 6.33 0.90 30.98
C GLU A 94 7.73 1.48 30.82
N TRP A 95 8.38 1.19 29.67
CA TRP A 95 9.70 1.67 29.28
C TRP A 95 9.72 3.20 29.14
N LEU A 96 8.63 3.77 28.58
CA LEU A 96 8.47 5.21 28.42
C LEU A 96 8.21 5.87 29.78
N ASP A 97 7.42 5.22 30.65
CA ASP A 97 7.11 5.73 32.00
C ASP A 97 8.36 5.75 32.89
N THR A 98 9.28 4.79 32.67
CA THR A 98 10.52 4.64 33.44
C THR A 98 11.74 5.38 32.85
N TYR A 99 11.72 5.70 31.53
CA TYR A 99 12.86 6.39 30.91
C TYR A 99 12.59 7.76 30.29
N ALA A 100 11.38 7.97 29.74
CA ALA A 100 10.97 9.27 29.19
C ALA A 100 10.24 10.08 30.28
N GLY A 101 9.90 9.40 31.37
CA GLY A 101 9.21 9.98 32.51
C GLY A 101 7.71 9.76 32.48
N LYS A 102 7.08 9.68 33.66
CA LYS A 102 5.64 9.47 33.85
C LYS A 102 4.83 10.61 33.23
N ASP A 103 3.64 10.28 32.70
CA ASP A 103 2.69 11.18 32.03
C ASP A 103 3.24 11.80 30.75
N TRP A 104 4.04 11.00 30.00
CA TRP A 104 4.65 11.35 28.72
C TRP A 104 3.58 11.58 27.63
N GLU A 105 2.36 11.03 27.84
CA GLU A 105 1.21 11.11 26.95
C GLU A 105 0.63 12.53 26.90
N SER A 106 0.81 13.29 27.99
CA SER A 106 0.29 14.66 28.12
C SER A 106 1.29 15.76 27.74
N ARG A 107 2.61 15.44 27.69
CA ARG A 107 3.67 16.41 27.41
C ARG A 107 4.55 16.10 26.17
N PRO A 108 5.31 17.08 25.60
CA PRO A 108 6.11 16.77 24.40
C PRO A 108 7.39 16.00 24.77
N VAL A 109 7.61 14.86 24.07
CA VAL A 109 8.76 13.98 24.32
C VAL A 109 9.69 13.91 23.10
N ASP A 110 10.99 14.18 23.32
CA ASP A 110 12.02 14.09 22.26
C ASP A 110 12.42 12.62 22.10
N ALA A 111 12.04 12.02 20.97
CA ALA A 111 12.29 10.61 20.63
C ALA A 111 13.78 10.30 20.45
N ARG A 112 14.58 11.28 19.98
CA ARG A 112 16.03 11.14 19.76
C ARG A 112 16.77 10.77 21.06
N LEU A 113 16.38 11.38 22.18
CA LEU A 113 16.97 11.15 23.51
C LEU A 113 16.75 9.73 24.04
N LEU A 114 15.65 9.08 23.62
CA LEU A 114 15.31 7.73 24.05
C LEU A 114 16.18 6.59 23.49
N PHE A 115 17.12 6.92 22.58
CA PHE A 115 18.05 5.95 21.99
C PHE A 115 19.08 5.43 23.00
N GLN A 116 19.40 6.24 24.03
CA GLN A 116 20.34 5.84 25.08
C GLN A 116 19.73 4.82 26.06
N TYR A 117 18.45 4.45 25.84
CA TYR A 117 17.71 3.51 26.68
C TYR A 117 17.29 2.20 25.94
N VAL A 118 17.99 1.87 24.83
CA VAL A 118 17.77 0.65 24.04
C VAL A 118 18.14 -0.62 24.86
N PRO A 119 19.32 -0.69 25.58
CA PRO A 119 19.58 -1.88 26.41
C PRO A 119 18.56 -2.04 27.53
N GLN A 120 17.99 -0.91 27.98
CA GLN A 120 16.97 -0.85 29.02
C GLN A 120 15.63 -1.37 28.46
N MET A 121 15.37 -1.14 27.15
CA MET A 121 14.19 -1.63 26.44
C MET A 121 14.35 -3.14 26.24
N HIS A 122 15.60 -3.59 25.98
CA HIS A 122 15.97 -4.99 25.79
C HIS A 122 15.78 -5.80 27.07
N GLU A 123 16.18 -5.24 28.24
CA GLU A 123 16.04 -5.89 29.55
C GLU A 123 14.59 -6.08 29.96
N GLY A 124 13.73 -5.13 29.55
CA GLY A 124 12.29 -5.17 29.81
C GLY A 124 11.61 -6.20 28.93
N ALA A 125 12.05 -6.31 27.66
CA ALA A 125 11.55 -7.26 26.67
C ALA A 125 11.98 -8.69 27.03
N LYS A 126 13.16 -8.84 27.67
CA LYS A 126 13.74 -10.10 28.13
C LYS A 126 12.84 -10.76 29.17
N LYS A 127 12.21 -9.94 30.04
CA LYS A 127 11.30 -10.36 31.11
C LYS A 127 10.14 -11.18 30.54
N LEU A 128 9.44 -10.63 29.53
CA LEU A 128 8.31 -11.24 28.85
C LEU A 128 8.73 -12.47 28.03
N MET A 129 9.83 -12.35 27.26
CA MET A 129 10.32 -13.44 26.40
C MET A 129 10.77 -14.69 27.15
N GLN A 130 11.29 -14.53 28.40
CA GLN A 130 11.69 -15.65 29.23
C GLN A 130 10.46 -16.42 29.73
N LEU A 131 9.35 -15.69 29.98
CA LEU A 131 8.07 -16.27 30.43
C LEU A 131 7.42 -17.06 29.29
N LEU A 132 7.43 -16.50 28.06
CA LEU A 132 6.87 -17.12 26.86
C LEU A 132 7.65 -18.38 26.48
N GLU A 133 9.00 -18.34 26.64
CA GLU A 133 9.90 -19.47 26.38
C GLU A 133 9.59 -20.59 27.37
N GLU A 134 9.50 -20.24 28.68
CA GLU A 134 9.19 -21.15 29.78
C GLU A 134 7.85 -21.85 29.53
N ASP A 135 6.83 -21.09 29.08
CA ASP A 135 5.48 -21.58 28.79
C ASP A 135 5.47 -22.49 27.55
N THR A 136 6.19 -22.09 26.47
CA THR A 136 6.29 -22.86 25.23
C THR A 136 6.92 -24.23 25.49
N VAL A 137 8.02 -24.26 26.28
CA VAL A 137 8.76 -25.46 26.66
C VAL A 137 7.86 -26.38 27.52
N ALA A 138 7.07 -25.79 28.44
CA ALA A 138 6.14 -26.50 29.31
C ALA A 138 5.07 -27.27 28.51
N ILE A 139 4.53 -26.64 27.43
CA ILE A 139 3.52 -27.24 26.54
C ILE A 139 4.15 -28.43 25.80
N LEU A 140 5.36 -28.23 25.24
CA LEU A 140 6.14 -29.23 24.51
C LEU A 140 6.48 -30.44 25.38
N ASP A 141 7.06 -30.21 26.58
CA ASP A 141 7.46 -31.27 27.53
C ASP A 141 6.30 -32.14 28.03
N SER A 142 5.15 -31.52 28.33
CA SER A 142 3.96 -32.22 28.84
C SER A 142 3.11 -32.91 27.77
N GLN A 143 3.20 -32.46 26.51
CA GLN A 143 2.39 -33.02 25.41
C GLN A 143 3.15 -33.77 24.30
N LEU A 144 4.38 -34.27 24.59
CA LEU A 144 5.19 -35.04 23.63
C LEU A 144 5.89 -36.21 24.29
N ASN A 145 5.98 -37.35 23.59
CA ASN A 145 6.69 -38.53 24.07
C ASN A 145 8.18 -38.40 23.73
N GLU A 146 9.05 -39.22 24.36
CA GLU A 146 10.50 -39.18 24.14
C GLU A 146 10.95 -39.30 22.68
N GLU A 147 10.27 -40.15 21.89
CA GLU A 147 10.56 -40.35 20.45
C GLU A 147 10.24 -39.08 19.67
N GLN A 148 9.07 -38.46 19.96
CA GLN A 148 8.61 -37.22 19.35
C GLN A 148 9.53 -36.06 19.73
N LYS A 149 9.98 -36.04 21.01
CA LYS A 149 10.88 -35.05 21.61
C LYS A 149 12.21 -34.96 20.87
N VAL A 150 12.79 -36.11 20.48
CA VAL A 150 14.06 -36.22 19.74
C VAL A 150 13.91 -35.57 18.36
N GLN A 151 12.82 -35.92 17.63
CA GLN A 151 12.47 -35.42 16.30
C GLN A 151 12.30 -33.90 16.29
N VAL A 152 11.55 -33.38 17.27
CA VAL A 152 11.25 -31.95 17.46
C VAL A 152 12.55 -31.16 17.76
N LYS A 153 13.38 -31.66 18.69
CA LYS A 153 14.64 -31.02 19.09
C LYS A 153 15.71 -31.03 17.99
N ALA A 154 15.69 -32.04 17.10
CA ALA A 154 16.65 -32.17 16.00
C ALA A 154 16.37 -31.26 14.81
N LEU A 155 15.08 -31.08 14.43
CA LEU A 155 14.68 -30.25 13.30
C LEU A 155 14.73 -28.75 13.55
N GLY A 156 14.52 -28.34 14.79
CA GLY A 156 14.48 -26.94 15.17
C GLY A 156 13.06 -26.41 15.15
N ILE A 157 12.76 -25.41 16.00
CA ILE A 157 11.41 -24.85 16.10
C ILE A 157 11.30 -23.43 15.52
N PRO A 158 10.73 -23.29 14.29
CA PRO A 158 10.55 -21.94 13.73
C PRO A 158 9.51 -21.17 14.54
N VAL A 159 9.86 -19.93 14.92
CA VAL A 159 9.01 -19.07 15.75
C VAL A 159 8.53 -17.87 14.93
N MET A 160 7.22 -17.58 15.00
CA MET A 160 6.58 -16.47 14.28
C MET A 160 5.82 -15.56 15.25
N LEU A 161 6.50 -14.51 15.74
CA LEU A 161 5.90 -13.52 16.65
C LEU A 161 5.39 -12.36 15.79
N CYS A 162 4.06 -12.19 15.69
CA CYS A 162 3.47 -11.12 14.88
C CYS A 162 2.56 -10.25 15.71
N SER A 163 2.89 -8.96 15.81
CA SER A 163 2.05 -8.02 16.55
C SER A 163 0.86 -7.58 15.71
N THR A 164 -0.29 -7.43 16.36
CA THR A 164 -1.53 -7.04 15.69
C THR A 164 -1.93 -5.57 16.00
N ALA A 165 -3.23 -5.31 16.24
CA ALA A 165 -3.78 -3.98 16.50
C ALA A 165 -3.25 -3.22 17.72
N GLY A 166 -2.74 -3.96 18.70
CA GLY A 166 -2.18 -3.41 19.95
C GLY A 166 -1.13 -2.33 19.76
N VAL A 167 -0.14 -2.59 18.90
CA VAL A 167 0.96 -1.66 18.62
C VAL A 167 1.01 -1.18 17.15
N ARG A 168 -0.11 -1.37 16.42
CA ARG A 168 -0.28 -0.96 15.03
C ARG A 168 -0.23 0.56 14.91
N ASP A 169 -0.87 1.24 15.86
CA ASP A 169 -0.97 2.70 15.95
C ASP A 169 0.10 3.33 16.87
N PHE A 170 1.08 2.52 17.34
CA PHE A 170 2.15 3.01 18.23
C PHE A 170 3.09 4.00 17.56
N HIS A 171 3.18 5.20 18.15
CA HIS A 171 3.99 6.34 17.68
C HIS A 171 5.50 6.10 17.67
N GLU A 172 6.21 6.85 16.81
CA GLU A 172 7.66 6.86 16.61
C GLU A 172 8.30 5.51 16.24
N TRP A 173 9.63 5.38 16.42
CA TRP A 173 10.45 4.21 16.09
C TRP A 173 10.35 3.02 17.06
N TYR A 174 10.02 3.30 18.34
CA TYR A 174 9.95 2.32 19.46
C TYR A 174 9.46 0.90 19.14
N ARG A 175 8.34 0.78 18.39
CA ARG A 175 7.76 -0.52 18.02
C ARG A 175 8.69 -1.37 17.15
N ASP A 176 9.21 -0.79 16.06
CA ASP A 176 10.12 -1.48 15.13
C ASP A 176 11.48 -1.79 15.78
N ALA A 177 11.92 -0.94 16.74
CA ALA A 177 13.16 -1.12 17.48
C ALA A 177 13.04 -2.27 18.46
N LEU A 178 11.83 -2.45 19.05
CA LEU A 178 11.53 -3.52 19.99
C LEU A 178 11.57 -4.87 19.27
N PHE A 179 11.07 -4.92 18.02
CA PHE A 179 11.03 -6.13 17.19
C PHE A 179 12.41 -6.70 16.87
N VAL A 180 13.42 -5.81 16.68
CA VAL A 180 14.81 -6.21 16.42
C VAL A 180 15.35 -6.94 17.66
N LEU A 181 15.02 -6.41 18.86
CA LEU A 181 15.43 -6.97 20.15
C LEU A 181 14.72 -8.30 20.43
N LEU A 182 13.41 -8.40 20.09
CA LEU A 182 12.59 -9.61 20.28
C LEU A 182 13.15 -10.79 19.51
N ARG A 183 13.55 -10.56 18.23
CA ARG A 183 14.15 -11.57 17.35
C ARG A 183 15.44 -12.11 17.93
N HIS A 184 16.30 -11.22 18.48
CA HIS A 184 17.56 -11.57 19.12
C HIS A 184 17.32 -12.43 20.36
N LEU A 185 16.24 -12.15 21.12
CA LEU A 185 15.87 -12.89 22.31
C LEU A 185 15.41 -14.31 21.97
N ILE A 186 14.63 -14.45 20.87
CA ILE A 186 14.13 -15.75 20.36
C ILE A 186 15.31 -16.57 19.83
N ASN A 187 16.19 -15.93 19.02
CA ASN A 187 17.37 -16.57 18.43
C ASN A 187 18.41 -17.03 19.46
N ASN A 188 18.29 -16.57 20.71
CA ASN A 188 19.16 -16.97 21.80
C ASN A 188 18.34 -17.61 22.95
N PRO A 189 17.84 -18.87 22.79
CA PRO A 189 17.06 -19.48 23.88
C PRO A 189 17.95 -20.18 24.92
N SER A 190 17.33 -20.71 25.99
CA SER A 190 18.03 -21.43 27.04
C SER A 190 18.55 -22.77 26.49
N PRO A 191 19.87 -23.04 26.61
CA PRO A 191 20.40 -24.31 26.07
C PRO A 191 20.00 -25.56 26.87
N ALA A 192 19.52 -25.35 28.12
CA ALA A 192 19.10 -26.40 29.05
C ALA A 192 17.94 -27.27 28.55
N HIS A 193 16.87 -26.66 28.02
CA HIS A 193 15.69 -27.39 27.54
C HIS A 193 15.87 -28.24 26.28
N GLY A 194 16.83 -27.88 25.43
CA GLY A 194 17.12 -28.62 24.21
C GLY A 194 16.33 -28.22 22.97
N TYR A 195 15.17 -27.55 23.17
CA TYR A 195 14.30 -27.09 22.08
C TYR A 195 14.98 -25.94 21.32
N LYS A 196 15.35 -26.19 20.06
CA LYS A 196 16.07 -25.23 19.24
C LYS A 196 15.14 -24.20 18.54
N PHE A 197 14.79 -23.14 19.26
CA PHE A 197 13.95 -22.06 18.74
C PHE A 197 14.78 -21.09 17.91
N PHE A 198 14.20 -20.60 16.79
CA PHE A 198 14.85 -19.65 15.90
C PHE A 198 13.83 -18.83 15.12
N THR A 199 14.22 -17.59 14.73
CA THR A 199 13.38 -16.68 13.94
C THR A 199 14.18 -15.83 12.94
N ASN A 200 13.48 -14.98 12.17
CA ASN A 200 14.05 -14.08 11.16
C ASN A 200 13.13 -12.85 10.94
N PRO A 201 13.57 -11.76 10.26
CA PRO A 201 12.66 -10.59 10.06
C PRO A 201 11.41 -10.87 9.22
N PHE A 202 11.38 -12.01 8.50
CA PHE A 202 10.24 -12.42 7.68
C PHE A 202 9.13 -13.09 8.50
N TRP A 203 9.52 -13.88 9.51
CA TRP A 203 8.58 -14.59 10.39
C TRP A 203 8.13 -13.71 11.55
N THR A 204 9.08 -13.10 12.26
CA THR A 204 8.80 -12.20 13.39
C THR A 204 8.83 -10.76 12.92
N ARG A 205 7.63 -10.19 12.69
CA ARG A 205 7.42 -8.81 12.20
C ARG A 205 6.00 -8.31 12.48
N PRO A 206 5.76 -6.98 12.59
CA PRO A 206 4.38 -6.50 12.80
C PRO A 206 3.54 -6.71 11.54
N ILE A 207 2.45 -7.48 11.65
CA ILE A 207 1.57 -7.74 10.50
C ILE A 207 0.51 -6.67 10.37
N THR A 208 0.22 -6.23 9.13
CA THR A 208 -0.78 -5.20 8.85
C THR A 208 -2.19 -5.75 9.10
N GLY A 209 -3.16 -4.86 9.27
CA GLY A 209 -4.56 -5.20 9.49
C GLY A 209 -5.13 -6.05 8.37
N ALA A 210 -4.81 -5.69 7.11
CA ALA A 210 -5.24 -6.42 5.92
C ALA A 210 -4.55 -7.78 5.86
N GLU A 211 -3.24 -7.83 6.24
CA GLU A 211 -2.44 -9.07 6.29
C GLU A 211 -3.05 -10.04 7.29
N GLU A 212 -3.41 -9.51 8.49
CA GLU A 212 -4.05 -10.22 9.60
C GLU A 212 -5.35 -10.87 9.09
N GLY A 213 -6.12 -10.12 8.31
CA GLY A 213 -7.36 -10.57 7.71
C GLY A 213 -7.16 -11.63 6.64
N LEU A 214 -6.11 -11.46 5.79
CA LEU A 214 -5.76 -12.41 4.72
C LEU A 214 -5.37 -13.76 5.28
N PHE A 215 -4.63 -13.78 6.40
CA PHE A 215 -4.22 -15.02 7.07
C PHE A 215 -5.43 -15.71 7.72
N ALA A 216 -6.38 -14.91 8.27
CA ALA A 216 -7.63 -15.39 8.86
C ALA A 216 -8.51 -16.08 7.81
N PHE A 217 -8.43 -15.60 6.54
CA PHE A 217 -9.11 -16.14 5.38
C PHE A 217 -8.48 -17.48 4.98
N ILE A 218 -7.13 -17.54 4.94
CA ILE A 218 -6.37 -18.74 4.59
C ILE A 218 -6.67 -19.84 5.63
N THR A 219 -6.65 -19.49 6.93
CA THR A 219 -6.93 -20.41 8.05
C THR A 219 -8.32 -21.03 7.89
N LEU A 220 -9.35 -20.18 7.68
CA LEU A 220 -10.75 -20.57 7.52
C LEU A 220 -10.92 -21.57 6.38
N ASN A 221 -10.45 -21.21 5.16
CA ASN A 221 -10.57 -22.03 3.98
C ASN A 221 -9.74 -23.31 3.99
N HIS A 222 -8.61 -23.32 4.73
CA HIS A 222 -7.74 -24.49 4.86
C HIS A 222 -8.41 -25.56 5.72
N LEU A 223 -8.85 -25.17 6.95
CA LEU A 223 -9.52 -26.05 7.91
C LEU A 223 -10.88 -26.56 7.42
N SER A 224 -11.63 -25.71 6.69
CA SER A 224 -12.94 -26.07 6.12
C SER A 224 -12.83 -26.86 4.80
N ARG A 225 -11.58 -27.21 4.41
CA ARG A 225 -11.22 -27.97 3.20
C ARG A 225 -11.71 -27.34 1.87
N ARG A 226 -11.80 -26.00 1.84
CA ARG A 226 -12.22 -25.22 0.67
C ARG A 226 -11.02 -24.90 -0.19
N LEU A 227 -9.86 -24.62 0.47
CA LEU A 227 -8.59 -24.29 -0.16
C LEU A 227 -7.69 -25.53 -0.25
N GLY A 228 -7.11 -25.73 -1.43
CA GLY A 228 -6.20 -26.84 -1.71
C GLY A 228 -5.77 -26.92 -3.15
N GLU A 229 -4.65 -27.61 -3.40
CA GLU A 229 -4.08 -27.80 -4.72
C GLU A 229 -4.47 -29.16 -5.34
N ASP A 230 -4.67 -30.17 -4.47
CA ASP A 230 -5.00 -31.56 -4.83
C ASP A 230 -6.31 -31.70 -5.61
N PRO A 231 -6.51 -32.76 -6.44
CA PRO A 231 -7.77 -32.89 -7.20
C PRO A 231 -9.05 -33.01 -6.36
N ALA A 232 -8.90 -33.29 -5.04
CA ALA A 232 -10.00 -33.42 -4.09
C ALA A 232 -10.60 -32.07 -3.72
N ARG A 233 -9.78 -31.01 -3.70
CA ARG A 233 -10.20 -29.66 -3.32
C ARG A 233 -10.18 -28.65 -4.48
N SER A 234 -9.56 -29.02 -5.62
CA SER A 234 -9.47 -28.17 -6.82
C SER A 234 -9.67 -28.95 -8.12
N MET A 235 -9.84 -28.21 -9.24
CA MET A 235 -10.05 -28.77 -10.57
C MET A 235 -9.37 -27.91 -11.65
N ILE A 236 -8.77 -28.57 -12.65
CA ILE A 236 -8.10 -27.91 -13.77
C ILE A 236 -8.99 -28.01 -15.01
N ASP A 237 -9.34 -26.86 -15.60
CA ASP A 237 -10.19 -26.80 -16.79
C ASP A 237 -9.41 -27.11 -18.09
N GLU A 238 -10.09 -26.98 -19.25
CA GLU A 238 -9.53 -27.21 -20.58
C GLU A 238 -8.43 -26.18 -20.92
N TYR A 239 -8.40 -25.04 -20.23
CA TYR A 239 -7.43 -23.98 -20.46
C TYR A 239 -6.31 -23.91 -19.41
N GLY A 240 -6.10 -25.04 -18.71
CA GLY A 240 -5.05 -25.20 -17.70
C GLY A 240 -5.15 -24.38 -16.43
N VAL A 241 -6.26 -23.64 -16.26
CA VAL A 241 -6.49 -22.79 -15.08
C VAL A 241 -7.12 -23.64 -13.97
N LYS A 242 -6.50 -23.59 -12.77
CA LYS A 242 -6.98 -24.33 -11.60
C LYS A 242 -8.01 -23.50 -10.83
N HIS A 243 -9.18 -24.10 -10.61
CA HIS A 243 -10.30 -23.50 -9.88
C HIS A 243 -10.55 -24.34 -8.64
N SER A 244 -11.01 -23.72 -7.54
CA SER A 244 -11.34 -24.47 -6.32
C SER A 244 -12.69 -25.14 -6.52
N ARG A 245 -12.82 -26.42 -6.09
CA ARG A 245 -14.06 -27.20 -6.24
C ARG A 245 -15.25 -26.55 -5.54
N ASN A 246 -15.05 -26.10 -4.29
CA ASN A 246 -16.07 -25.40 -3.52
C ASN A 246 -15.70 -23.92 -3.39
N ASP A 247 -16.70 -23.05 -3.27
CA ASP A 247 -16.54 -21.60 -3.15
C ASP A 247 -15.69 -21.21 -1.95
N LEU A 248 -14.70 -20.32 -2.16
CA LEU A 248 -13.85 -19.81 -1.08
C LEU A 248 -14.70 -18.89 -0.21
N ALA A 249 -14.73 -19.18 1.10
CA ALA A 249 -15.52 -18.44 2.07
C ALA A 249 -14.77 -17.26 2.68
N GLY A 250 -15.50 -16.17 2.88
CA GLY A 250 -15.01 -14.95 3.48
C GLY A 250 -15.13 -14.96 4.98
N VAL A 251 -14.41 -14.05 5.67
CA VAL A 251 -14.40 -13.98 7.13
C VAL A 251 -14.57 -12.56 7.70
N VAL A 252 -15.20 -12.48 8.89
CA VAL A 252 -15.41 -11.25 9.66
C VAL A 252 -14.93 -11.57 11.08
N GLU A 253 -13.73 -11.09 11.45
CA GLU A 253 -13.13 -11.35 12.75
C GLU A 253 -13.04 -10.09 13.58
N VAL A 254 -13.69 -10.09 14.76
CA VAL A 254 -13.62 -8.95 15.69
C VAL A 254 -12.87 -9.38 16.94
N GLY A 255 -11.72 -8.74 17.15
CA GLY A 255 -10.85 -8.99 18.29
C GLY A 255 -10.98 -7.96 19.38
N GLY A 256 -9.89 -7.73 20.09
CA GLY A 256 -9.81 -6.79 21.20
C GLY A 256 -9.78 -5.33 20.77
N ALA A 257 -8.96 -5.02 19.75
CA ALA A 257 -8.80 -3.65 19.26
C ALA A 257 -9.28 -3.37 17.82
N SER A 258 -9.36 -4.40 16.96
CA SER A 258 -9.78 -4.23 15.57
C SER A 258 -10.76 -5.28 15.03
N ALA A 259 -11.38 -4.97 13.88
CA ALA A 259 -12.31 -5.84 13.19
C ALA A 259 -11.88 -5.98 11.74
N GLN A 260 -11.87 -7.22 11.23
CA GLN A 260 -11.46 -7.51 9.86
C GLN A 260 -12.64 -7.97 9.01
N ILE A 261 -12.74 -7.45 7.77
CA ILE A 261 -13.75 -7.82 6.79
C ILE A 261 -12.99 -8.30 5.56
N VAL A 262 -13.04 -9.62 5.30
CA VAL A 262 -12.32 -10.28 4.21
C VAL A 262 -13.25 -11.15 3.38
N PHE A 263 -13.22 -10.99 2.04
CA PHE A 263 -14.04 -11.77 1.10
C PHE A 263 -13.44 -11.86 -0.29
N PRO A 264 -13.47 -13.06 -0.95
CA PRO A 264 -12.94 -13.15 -2.31
C PRO A 264 -13.94 -12.64 -3.34
N LEU A 265 -13.46 -11.98 -4.41
CA LEU A 265 -14.32 -11.44 -5.46
C LEU A 265 -14.63 -12.50 -6.51
N GLN A 266 -15.92 -12.64 -6.86
CA GLN A 266 -16.42 -13.63 -7.80
C GLN A 266 -16.07 -13.36 -9.27
N GLU A 267 -15.09 -14.14 -9.79
CA GLU A 267 -14.53 -14.09 -11.15
C GLU A 267 -14.04 -12.70 -11.61
N GLY A 268 -13.32 -12.04 -10.71
CA GLY A 268 -12.76 -10.71 -10.93
C GLY A 268 -13.81 -9.64 -11.16
N THR A 269 -14.70 -9.42 -10.17
CA THR A 269 -15.75 -8.41 -10.25
C THR A 269 -15.05 -7.07 -10.47
N VAL A 270 -15.35 -6.37 -11.59
CA VAL A 270 -14.70 -5.11 -11.89
C VAL A 270 -14.94 -4.07 -10.77
N LEU A 271 -13.83 -3.62 -10.18
CA LEU A 271 -13.81 -2.69 -9.06
C LEU A 271 -13.35 -1.27 -9.48
N PRO A 272 -13.75 -0.21 -8.73
CA PRO A 272 -13.27 1.14 -9.08
C PRO A 272 -11.76 1.30 -8.85
N SER A 273 -11.16 2.33 -9.47
CA SER A 273 -9.73 2.65 -9.39
C SER A 273 -9.24 2.85 -7.95
N SER A 274 -10.10 3.43 -7.10
CA SER A 274 -9.84 3.70 -5.69
C SER A 274 -9.75 2.43 -4.85
N VAL A 275 -10.62 1.43 -5.15
CA VAL A 275 -10.65 0.16 -4.43
C VAL A 275 -9.48 -0.71 -4.88
N ARG A 276 -8.56 -1.01 -3.94
CA ARG A 276 -7.36 -1.81 -4.19
C ARG A 276 -7.47 -3.21 -3.58
N ALA A 277 -7.88 -4.19 -4.41
CA ALA A 277 -8.02 -5.60 -4.04
C ALA A 277 -6.67 -6.31 -4.11
N VAL A 278 -6.54 -7.44 -3.42
CA VAL A 278 -5.29 -8.19 -3.36
C VAL A 278 -5.41 -9.59 -4.01
N ASN A 279 -4.55 -9.87 -5.00
CA ASN A 279 -4.48 -11.18 -5.64
C ASN A 279 -3.48 -12.01 -4.85
N LEU A 280 -3.94 -13.16 -4.31
CA LEU A 280 -3.17 -14.08 -3.46
C LEU A 280 -1.84 -14.55 -4.05
N GLN A 281 -1.82 -14.86 -5.36
CA GLN A 281 -0.61 -15.33 -6.05
C GLN A 281 0.34 -14.20 -6.41
N ARG A 282 -0.23 -13.04 -6.85
CA ARG A 282 0.53 -11.85 -7.24
C ARG A 282 1.19 -11.18 -6.03
N GLU A 283 0.50 -11.15 -4.88
CA GLU A 283 1.03 -10.57 -3.64
C GLU A 283 1.76 -11.60 -2.75
N ARG A 284 2.12 -12.75 -3.36
CA ARG A 284 2.86 -13.87 -2.79
C ARG A 284 2.35 -14.42 -1.45
N LEU A 285 1.02 -14.48 -1.30
CA LEU A 285 0.37 -15.01 -0.10
C LEU A 285 0.21 -16.52 -0.23
N LEU A 286 -0.12 -16.99 -1.44
CA LEU A 286 -0.27 -18.39 -1.80
C LEU A 286 0.57 -18.70 -3.04
N PRO A 287 1.18 -19.91 -3.15
CA PRO A 287 2.00 -20.22 -4.33
C PRO A 287 1.18 -20.37 -5.62
N GLU A 288 1.87 -20.29 -6.78
CA GLU A 288 1.28 -20.39 -8.13
C GLU A 288 0.42 -21.64 -8.34
N ARG A 289 0.79 -22.76 -7.71
CA ARG A 289 0.08 -24.05 -7.80
C ARG A 289 -1.33 -24.04 -7.18
N TYR A 290 -1.58 -23.11 -6.26
CA TYR A 290 -2.88 -22.97 -5.58
C TYR A 290 -3.87 -22.17 -6.47
N PRO A 291 -5.20 -22.40 -6.37
CA PRO A 291 -6.14 -21.65 -7.24
C PRO A 291 -6.11 -20.14 -6.99
N SER A 292 -6.20 -19.35 -8.07
CA SER A 292 -6.15 -17.90 -8.00
C SER A 292 -7.45 -17.29 -7.48
N ALA A 293 -7.31 -16.20 -6.69
CA ALA A 293 -8.44 -15.46 -6.12
C ALA A 293 -8.05 -14.03 -5.78
N ASP A 294 -8.90 -13.08 -6.20
CA ASP A 294 -8.74 -11.64 -5.93
C ASP A 294 -9.58 -11.38 -4.69
N VAL A 295 -8.92 -11.12 -3.57
CA VAL A 295 -9.55 -10.95 -2.26
C VAL A 295 -9.48 -9.51 -1.76
N VAL A 296 -10.61 -9.01 -1.23
CA VAL A 296 -10.71 -7.68 -0.61
C VAL A 296 -10.51 -7.92 0.89
N SER A 297 -9.42 -7.38 1.45
CA SER A 297 -9.11 -7.51 2.87
C SER A 297 -8.99 -6.13 3.50
N VAL A 298 -9.85 -5.85 4.48
CA VAL A 298 -9.88 -4.56 5.18
C VAL A 298 -10.02 -4.74 6.70
N SER A 299 -9.28 -3.91 7.47
CA SER A 299 -9.30 -3.92 8.93
C SER A 299 -9.59 -2.53 9.47
N PHE A 300 -10.45 -2.45 10.48
CA PHE A 300 -10.80 -1.18 11.08
C PHE A 300 -10.43 -1.11 12.54
N MET A 301 -9.55 -0.15 12.88
CA MET A 301 -9.11 0.15 14.24
C MET A 301 -10.30 0.77 14.97
N GLN A 302 -10.32 0.65 16.30
CA GLN A 302 -11.40 1.16 17.18
C GLN A 302 -12.72 0.35 17.02
N LEU A 303 -12.65 -0.83 16.37
CA LEU A 303 -13.82 -1.68 16.16
C LEU A 303 -13.82 -2.94 17.02
N GLY A 304 -12.67 -3.25 17.62
CA GLY A 304 -12.51 -4.37 18.53
C GLY A 304 -13.25 -4.14 19.82
N MET A 305 -13.73 -5.24 20.45
CA MET A 305 -14.52 -5.23 21.69
C MET A 305 -14.10 -4.23 22.76
N ALA A 306 -12.80 -4.14 23.08
CA ALA A 306 -12.25 -3.21 24.07
C ALA A 306 -12.11 -1.79 23.55
N SER A 307 -11.61 -1.62 22.31
CA SER A 307 -11.42 -0.31 21.72
C SER A 307 -12.74 0.42 21.40
N SER A 308 -13.75 -0.32 20.90
CA SER A 308 -15.06 0.20 20.54
C SER A 308 -15.90 0.60 21.75
N ALA A 309 -15.80 -0.18 22.86
CA ALA A 309 -16.50 0.04 24.13
C ALA A 309 -16.26 1.43 24.70
N GLY A 310 -15.00 1.87 24.64
CA GLY A 310 -14.57 3.18 25.12
C GLY A 310 -15.08 4.29 24.21
N LEU A 311 -14.78 4.17 22.90
CA LEU A 311 -15.19 5.13 21.86
C LEU A 311 -16.70 5.35 21.86
N PHE A 312 -17.49 4.26 21.99
CA PHE A 312 -18.96 4.33 22.01
C PHE A 312 -19.44 5.14 23.23
N LEU A 313 -18.94 4.80 24.44
CA LEU A 313 -19.26 5.50 25.68
C LEU A 313 -18.85 6.97 25.64
N LYS A 314 -17.68 7.25 25.03
CA LYS A 314 -17.12 8.60 24.89
C LYS A 314 -17.99 9.48 24.00
N GLU A 315 -18.38 9.00 22.79
CA GLU A 315 -19.22 9.78 21.88
C GLU A 315 -20.69 9.85 22.31
N LEU A 316 -21.29 8.73 22.75
CA LEU A 316 -22.68 8.66 23.21
C LEU A 316 -22.94 9.57 24.42
N CYS A 317 -22.06 9.49 25.45
CA CYS A 317 -22.18 10.28 26.68
C CYS A 317 -21.60 11.71 26.58
N SER A 318 -21.53 12.22 25.34
CA SER A 318 -21.10 13.58 24.98
C SER A 318 -22.25 14.25 24.22
N ASN A 319 -23.13 13.43 23.61
CA ASN A 319 -24.31 13.88 22.89
C ASN A 319 -25.40 14.23 23.91
N ASP A 320 -25.93 15.46 23.81
CA ASP A 320 -26.97 16.01 24.69
C ASP A 320 -28.30 15.22 24.67
N GLU A 321 -28.47 14.34 23.65
CA GLU A 321 -29.64 13.49 23.46
C GLU A 321 -29.64 12.33 24.48
N PHE A 322 -28.48 12.07 25.13
CA PHE A 322 -28.33 10.98 26.11
C PHE A 322 -27.83 11.48 27.47
N LEU A 323 -26.85 12.43 27.48
CA LEU A 323 -26.32 13.00 28.72
C LEU A 323 -27.19 14.18 29.19
N GLN A 324 -27.84 14.01 30.36
CA GLN A 324 -28.72 15.01 30.95
C GLN A 324 -28.62 14.96 32.47
N GLY A 325 -28.17 16.08 33.07
CA GLY A 325 -27.98 16.23 34.51
C GLY A 325 -26.97 15.25 35.09
N GLY A 326 -25.85 15.07 34.40
CA GLY A 326 -24.77 14.17 34.80
C GLY A 326 -25.07 12.69 34.63
N ILE A 327 -26.25 12.35 34.08
CA ILE A 327 -26.66 10.95 33.86
C ILE A 327 -26.77 10.63 32.37
N CYS A 328 -25.86 9.80 31.87
CA CYS A 328 -25.85 9.36 30.49
C CYS A 328 -26.76 8.15 30.34
N SER A 329 -27.78 8.27 29.48
CA SER A 329 -28.74 7.19 29.23
C SER A 329 -28.22 6.29 28.10
N ASN A 330 -27.76 5.08 28.46
CA ASN A 330 -27.20 4.13 27.50
C ASN A 330 -28.26 3.15 26.98
N PRO A 331 -28.59 3.21 25.66
CA PRO A 331 -29.59 2.27 25.12
C PRO A 331 -29.07 0.84 24.91
N CYS A 332 -27.73 0.65 24.90
CA CYS A 332 -27.09 -0.66 24.73
C CYS A 332 -26.97 -1.44 26.04
N LEU A 333 -27.27 -0.79 27.20
CA LEU A 333 -27.23 -1.42 28.51
C LEU A 333 -28.64 -1.68 29.03
N PHE A 334 -28.80 -2.82 29.74
CA PHE A 334 -30.08 -3.28 30.31
C PHE A 334 -30.66 -2.34 31.35
N LYS A 335 -32.00 -2.35 31.47
CA LYS A 335 -32.76 -1.55 32.44
C LYS A 335 -32.46 -2.11 33.84
N GLY A 336 -32.10 -1.23 34.76
CA GLY A 336 -31.74 -1.59 36.13
C GLY A 336 -30.25 -1.67 36.35
N PHE A 337 -29.47 -1.63 35.24
CA PHE A 337 -28.00 -1.65 35.28
C PHE A 337 -27.49 -0.21 35.45
N GLN A 338 -26.50 -0.03 36.35
CA GLN A 338 -25.91 1.27 36.65
C GLN A 338 -24.40 1.14 36.89
N GLN A 339 -23.61 2.02 36.26
CA GLN A 339 -22.15 2.06 36.40
C GLN A 339 -21.60 3.50 36.46
N SER A 340 -20.34 3.65 36.92
CA SER A 340 -19.65 4.93 37.00
C SER A 340 -19.30 5.43 35.59
N CYS A 341 -19.40 6.75 35.37
CA CYS A 341 -19.13 7.35 34.06
C CYS A 341 -17.66 7.44 33.66
N SER A 342 -17.11 6.31 33.17
CA SER A 342 -15.73 6.16 32.71
C SER A 342 -15.59 4.93 31.82
N ALA A 343 -14.58 4.94 30.93
CA ALA A 343 -14.34 3.83 30.01
C ALA A 343 -13.44 2.74 30.63
N GLY A 344 -13.18 2.83 31.93
CA GLY A 344 -12.36 1.86 32.66
C GLY A 344 -12.98 0.47 32.69
N GLU A 345 -12.13 -0.56 32.93
CA GLU A 345 -12.52 -1.97 32.98
C GLU A 345 -13.66 -2.23 33.96
N VAL A 346 -14.81 -2.67 33.42
CA VAL A 346 -16.03 -2.96 34.17
C VAL A 346 -16.02 -4.39 34.71
N GLU A 347 -16.23 -4.52 36.03
CA GLU A 347 -16.31 -5.78 36.75
C GLU A 347 -17.67 -5.85 37.43
N VAL A 348 -18.45 -6.90 37.11
CA VAL A 348 -19.79 -7.09 37.69
C VAL A 348 -19.67 -7.93 38.97
N ARG A 349 -19.61 -7.23 40.11
CA ARG A 349 -19.46 -7.77 41.45
C ARG A 349 -20.64 -8.68 41.87
N PRO A 350 -20.43 -9.67 42.78
CA PRO A 350 -21.53 -10.56 43.19
C PRO A 350 -22.73 -9.90 43.88
N ASP A 351 -22.56 -8.66 44.40
CA ASP A 351 -23.63 -7.91 45.08
C ASP A 351 -24.54 -7.13 44.11
N GLY A 352 -24.33 -7.33 42.81
CA GLY A 352 -25.10 -6.68 41.75
C GLY A 352 -24.46 -5.45 41.15
N SER A 353 -23.56 -4.80 41.93
CA SER A 353 -22.86 -3.57 41.54
C SER A 353 -21.83 -3.79 40.43
N ALA A 354 -21.62 -2.74 39.61
CA ALA A 354 -20.65 -2.72 38.52
C ALA A 354 -19.51 -1.78 38.89
N SER A 355 -18.34 -2.36 39.22
CA SER A 355 -17.17 -1.59 39.62
C SER A 355 -16.30 -1.24 38.42
N VAL A 356 -16.06 0.07 38.22
CA VAL A 356 -15.26 0.59 37.12
C VAL A 356 -13.84 0.85 37.61
N ASN A 357 -12.85 0.15 37.01
CA ASN A 357 -11.43 0.25 37.36
C ASN A 357 -10.87 1.65 37.08
N GLU A 358 -10.23 2.25 38.11
CA GLU A 358 -9.64 3.59 38.02
C GLU A 358 -8.28 3.63 37.31
N ASP A 359 -7.57 2.47 37.23
CA ASP A 359 -6.26 2.35 36.59
C ASP A 359 -6.28 2.82 35.15
N VAL A 360 -5.40 3.80 34.84
CA VAL A 360 -5.24 4.40 33.51
C VAL A 360 -4.92 3.37 32.43
N ARG A 361 -4.13 2.33 32.79
CA ARG A 361 -3.73 1.24 31.90
C ARG A 361 -4.94 0.36 31.55
N LYS A 362 -5.82 0.11 32.53
CA LYS A 362 -7.02 -0.71 32.35
C LYS A 362 -8.28 0.12 32.00
N ASN A 363 -8.07 1.16 31.17
CA ASN A 363 -9.12 2.04 30.64
C ASN A 363 -9.22 1.74 29.16
N ARG A 364 -10.45 1.56 28.66
CA ARG A 364 -10.68 1.23 27.25
C ARG A 364 -10.43 2.37 26.25
N LEU A 365 -10.13 3.57 26.77
CA LEU A 365 -9.81 4.75 25.97
C LEU A 365 -8.30 5.03 25.91
N LYS A 366 -7.50 4.39 26.80
CA LYS A 366 -6.05 4.53 26.88
C LYS A 366 -5.35 4.41 25.51
N PRO A 367 -5.50 3.32 24.70
CA PRO A 367 -4.80 3.27 23.40
C PRO A 367 -5.18 4.39 22.42
N LEU A 368 -6.46 4.79 22.41
CA LEU A 368 -6.97 5.86 21.55
C LEU A 368 -6.54 7.25 22.04
N ALA A 369 -6.68 7.54 23.35
CA ALA A 369 -6.28 8.82 23.97
C ALA A 369 -4.77 9.04 23.85
N THR A 370 -3.97 7.95 23.84
CA THR A 370 -2.51 7.99 23.68
C THR A 370 -2.17 8.36 22.22
N TYR A 371 -2.93 7.80 21.26
CA TYR A 371 -2.77 8.09 19.83
C TYR A 371 -3.20 9.54 19.56
N CYS A 372 -4.41 9.91 20.01
CA CYS A 372 -4.99 11.23 19.86
C CYS A 372 -4.34 12.25 20.80
N SER A 373 -3.05 12.49 20.59
CA SER A 373 -2.23 13.42 21.36
C SER A 373 -1.56 14.41 20.42
N VAL A 374 -1.56 15.70 20.81
CA VAL A 374 -0.95 16.78 20.03
C VAL A 374 0.59 16.66 19.98
N HIS A 375 1.17 15.82 20.85
CA HIS A 375 2.61 15.57 20.95
C HIS A 375 3.04 14.41 20.06
N ASN A 376 2.07 13.69 19.48
CA ASN A 376 2.28 12.60 18.54
C ASN A 376 2.39 13.25 17.14
N PRO A 377 3.49 13.00 16.37
CA PRO A 377 3.64 13.64 15.05
C PRO A 377 2.52 13.37 14.03
N GLU A 378 1.71 12.32 14.28
CA GLU A 378 0.59 11.93 13.43
C GLU A 378 -0.64 12.85 13.60
N ILE A 379 -0.66 13.69 14.64
CA ILE A 379 -1.76 14.62 14.93
C ILE A 379 -1.29 16.07 14.71
N SER A 380 -0.11 16.43 15.28
CA SER A 380 0.48 17.77 15.21
C SER A 380 0.78 18.25 13.79
N PHE A 381 1.10 17.33 12.88
CA PHE A 381 1.42 17.61 11.48
C PHE A 381 0.24 17.35 10.53
N LYS A 382 -0.63 16.39 10.90
CA LYS A 382 -1.77 15.98 10.08
C LYS A 382 -3.12 16.43 10.67
N VAL A 383 -3.72 17.47 10.06
CA VAL A 383 -5.00 18.09 10.47
C VAL A 383 -6.16 17.07 10.35
N THR A 384 -6.15 16.26 9.27
CA THR A 384 -7.15 15.23 8.98
C THR A 384 -7.34 14.29 10.18
N ASN A 385 -6.21 13.84 10.78
CA ASN A 385 -6.19 12.96 11.96
C ASN A 385 -6.65 13.66 13.23
N GLU A 386 -6.35 14.97 13.36
CA GLU A 386 -6.74 15.79 14.51
C GLU A 386 -8.26 15.94 14.55
N MET A 387 -8.88 16.18 13.37
CA MET A 387 -10.33 16.31 13.21
C MET A 387 -11.06 15.00 13.49
N GLN A 388 -10.42 13.86 13.16
CA GLN A 388 -10.93 12.51 13.39
C GLN A 388 -11.08 12.26 14.90
N CYS A 389 -10.08 12.70 15.69
CA CYS A 389 -10.03 12.57 17.15
C CYS A 389 -11.10 13.42 17.81
N ARG A 390 -11.21 14.70 17.38
CA ARG A 390 -12.16 15.69 17.90
C ARG A 390 -13.62 15.27 17.65
N GLU A 391 -13.85 14.53 16.53
CA GLU A 391 -15.16 14.00 16.16
C GLU A 391 -15.65 12.92 17.13
N ASN A 392 -14.72 12.30 17.88
CA ASN A 392 -15.05 11.30 18.87
C ASN A 392 -14.93 11.88 20.28
N SER A 393 -15.00 13.23 20.37
CA SER A 393 -14.93 14.06 21.59
C SER A 393 -13.55 14.15 22.29
N ILE A 394 -12.51 13.48 21.74
CA ILE A 394 -11.16 13.50 22.30
C ILE A 394 -10.40 14.75 21.83
N ASP A 395 -9.92 15.55 22.80
CA ASP A 395 -9.15 16.76 22.52
C ASP A 395 -7.65 16.40 22.63
N PRO A 396 -6.88 16.43 21.51
CA PRO A 396 -5.45 16.07 21.60
C PRO A 396 -4.58 17.08 22.34
N THR A 397 -5.06 18.34 22.49
CA THR A 397 -4.35 19.42 23.18
C THR A 397 -4.40 19.24 24.69
N LYS A 398 -5.52 18.73 25.20
CA LYS A 398 -5.75 18.50 26.64
C LYS A 398 -4.95 17.29 27.17
N PRO A 399 -4.62 17.22 28.49
CA PRO A 399 -3.86 16.06 29.02
C PRO A 399 -4.60 14.74 28.94
N LEU A 400 -3.85 13.62 29.03
CA LEU A 400 -4.36 12.24 28.96
C LEU A 400 -5.57 11.96 29.85
N ALA A 401 -5.52 12.41 31.13
CA ALA A 401 -6.60 12.22 32.10
C ALA A 401 -7.90 12.87 31.61
N GLU A 402 -7.80 14.10 31.05
CA GLU A 402 -8.92 14.87 30.51
C GLU A 402 -9.46 14.28 29.21
N ARG A 403 -8.62 13.55 28.44
CA ARG A 403 -8.97 12.91 27.17
C ARG A 403 -9.91 11.73 27.37
N MET A 404 -9.59 10.86 28.35
CA MET A 404 -10.36 9.66 28.69
C MET A 404 -11.63 10.02 29.46
N LYS A 405 -11.60 11.17 30.18
CA LYS A 405 -12.69 11.71 30.99
C LYS A 405 -13.94 12.03 30.18
N ILE A 406 -15.10 11.57 30.66
CA ILE A 406 -16.40 11.87 30.07
C ILE A 406 -16.87 13.10 30.83
N GLU A 407 -16.67 14.30 30.24
CA GLU A 407 -17.00 15.60 30.83
C GLU A 407 -18.47 15.73 31.24
N ASN A 408 -18.70 16.26 32.46
CA ASN A 408 -20.01 16.50 33.07
C ASN A 408 -20.92 15.26 33.15
N CYS A 409 -20.29 14.10 33.48
CA CYS A 409 -20.97 12.81 33.62
C CYS A 409 -20.46 12.06 34.85
N SER A 410 -21.39 11.52 35.66
CA SER A 410 -21.06 10.78 36.87
C SER A 410 -21.52 9.32 36.85
N ILE A 411 -22.77 9.07 36.39
CA ILE A 411 -23.35 7.73 36.32
C ILE A 411 -23.96 7.41 34.94
N ILE A 412 -23.76 6.17 34.46
CA ILE A 412 -24.33 5.68 33.20
C ILE A 412 -25.52 4.78 33.57
N GLU A 413 -26.71 5.14 33.06
CA GLU A 413 -27.95 4.40 33.32
C GLU A 413 -28.40 3.66 32.06
N GLY A 414 -28.72 2.38 32.20
CA GLY A 414 -29.16 1.53 31.10
C GLY A 414 -30.64 1.70 30.81
N THR A 415 -30.98 2.02 29.55
CA THR A 415 -32.37 2.22 29.09
C THR A 415 -32.96 1.01 28.35
N GLY A 416 -32.11 0.09 27.91
CA GLY A 416 -32.48 -1.14 27.24
C GLY A 416 -33.21 -1.03 25.91
N ASN A 417 -33.08 0.11 25.22
CA ASN A 417 -33.72 0.32 23.92
C ASN A 417 -32.79 -0.16 22.81
N PHE A 418 -33.11 -1.32 22.20
CA PHE A 418 -32.29 -1.91 21.15
C PHE A 418 -32.26 -1.10 19.85
N ASP A 419 -33.41 -0.60 19.39
CA ASP A 419 -33.51 0.20 18.17
C ASP A 419 -32.67 1.49 18.23
N LYS A 420 -32.61 2.12 19.43
CA LYS A 420 -31.79 3.31 19.67
C LYS A 420 -30.31 2.91 19.78
N CYS A 421 -30.03 1.67 20.25
CA CYS A 421 -28.68 1.13 20.38
C CYS A 421 -28.07 0.85 18.99
N VAL A 422 -28.91 0.37 18.03
CA VAL A 422 -28.50 0.09 16.64
C VAL A 422 -28.14 1.40 15.93
N SER A 423 -29.07 2.37 15.93
CA SER A 423 -28.90 3.69 15.30
C SER A 423 -27.67 4.45 15.81
N GLN A 424 -27.27 4.20 17.07
CA GLN A 424 -26.08 4.83 17.66
C GLN A 424 -24.80 4.16 17.22
N VAL A 425 -24.75 2.81 17.26
CA VAL A 425 -23.61 2.00 16.79
C VAL A 425 -23.36 2.34 15.30
N GLU A 426 -24.46 2.51 14.53
CA GLU A 426 -24.48 2.88 13.11
C GLU A 426 -23.77 4.22 12.90
N SER A 427 -24.22 5.29 13.58
CA SER A 427 -23.66 6.64 13.46
C SER A 427 -22.27 6.81 14.08
N ILE A 428 -21.94 6.05 15.13
CA ILE A 428 -20.66 6.16 15.84
C ILE A 428 -19.56 5.26 15.27
N LEU A 429 -19.82 3.94 15.18
CA LEU A 429 -18.83 2.95 14.74
C LEU A 429 -18.94 2.46 13.30
N VAL A 430 -20.15 2.25 12.80
CA VAL A 430 -20.33 1.72 11.45
C VAL A 430 -20.18 2.78 10.34
N ALA A 431 -21.02 3.83 10.36
CA ALA A 431 -20.99 4.89 9.37
C ALA A 431 -20.78 6.30 9.99
N PRO A 432 -19.55 6.63 10.47
CA PRO A 432 -19.35 7.98 11.03
C PRO A 432 -19.04 9.04 9.98
N LYS A 433 -19.08 10.33 10.38
CA LYS A 433 -18.82 11.50 9.53
C LYS A 433 -17.40 11.42 8.94
N LEU A 434 -16.40 11.16 9.79
CA LEU A 434 -15.00 11.02 9.41
C LEU A 434 -14.55 9.59 9.74
N PRO A 435 -13.43 9.05 9.17
CA PRO A 435 -13.00 7.69 9.55
C PRO A 435 -12.50 7.64 10.99
N LEU A 436 -12.64 6.48 11.66
CA LEU A 436 -12.18 6.29 13.04
C LEU A 436 -10.64 6.44 13.10
N PRO A 437 -10.08 7.07 14.17
CA PRO A 437 -8.62 7.29 14.21
C PRO A 437 -7.72 6.08 13.97
N ALA A 438 -6.55 6.33 13.35
CA ALA A 438 -5.50 5.37 12.99
C ALA A 438 -5.93 4.34 11.93
N ASN A 439 -6.83 4.76 11.02
CA ASN A 439 -7.33 3.91 9.94
C ASN A 439 -6.88 4.35 8.53
N ILE A 440 -5.61 4.76 8.42
CA ILE A 440 -5.03 5.17 7.14
C ILE A 440 -4.83 3.96 6.21
N GLU A 441 -4.59 2.77 6.80
CA GLU A 441 -4.43 1.50 6.10
C GLU A 441 -5.71 1.13 5.37
N ALA A 442 -6.88 1.34 6.02
CA ALA A 442 -8.20 1.07 5.44
C ALA A 442 -8.55 2.13 4.39
N ALA A 443 -8.24 3.41 4.68
CA ALA A 443 -8.49 4.54 3.79
C ALA A 443 -7.69 4.45 2.49
N SER A 444 -6.46 3.90 2.55
CA SER A 444 -5.57 3.72 1.41
C SER A 444 -6.12 2.68 0.42
N SER A 445 -6.78 1.62 0.95
CA SER A 445 -7.40 0.58 0.14
C SER A 445 -8.72 1.05 -0.49
N GLY A 446 -9.23 2.20 0.00
CA GLY A 446 -10.45 2.83 -0.51
C GLY A 446 -11.68 2.74 0.39
N PHE A 447 -11.48 2.47 1.69
CA PHE A 447 -12.59 2.34 2.65
C PHE A 447 -12.37 3.17 3.91
N GLU A 448 -13.20 4.22 4.09
CA GLU A 448 -13.13 5.09 5.27
C GLU A 448 -13.83 4.43 6.47
N SER A 449 -14.94 3.71 6.20
CA SER A 449 -15.77 3.05 7.21
C SER A 449 -16.33 1.70 6.76
N VAL A 450 -17.01 1.00 7.69
CA VAL A 450 -17.65 -0.32 7.53
C VAL A 450 -18.71 -0.30 6.42
N ASP A 451 -19.51 0.78 6.34
CA ASP A 451 -20.57 0.94 5.35
C ASP A 451 -20.03 1.02 3.91
N GLN A 452 -18.86 1.65 3.74
CA GLN A 452 -18.18 1.84 2.45
C GLN A 452 -17.72 0.53 1.83
N VAL A 453 -17.40 -0.49 2.65
CA VAL A 453 -16.91 -1.81 2.22
C VAL A 453 -17.84 -2.47 1.19
N PHE A 454 -19.13 -2.59 1.52
CA PHE A 454 -20.13 -3.23 0.66
C PHE A 454 -20.73 -2.34 -0.41
N ARG A 455 -20.60 -1.00 -0.25
CA ARG A 455 -21.07 -0.02 -1.22
C ARG A 455 -20.14 0.06 -2.42
N PHE A 456 -18.86 -0.27 -2.22
CA PHE A 456 -17.84 -0.24 -3.26
C PHE A 456 -17.45 -1.64 -3.76
N ALA A 457 -17.46 -2.64 -2.87
CA ALA A 457 -17.11 -4.04 -3.19
C ALA A 457 -18.11 -5.04 -2.62
N SER A 458 -18.67 -5.89 -3.48
CA SER A 458 -19.64 -6.92 -3.07
C SER A 458 -19.33 -8.27 -3.70
N SER A 459 -19.65 -9.37 -2.98
CA SER A 459 -19.42 -10.72 -3.45
C SER A 459 -20.47 -11.72 -2.96
N THR A 460 -20.79 -12.71 -3.81
CA THR A 460 -21.74 -13.78 -3.51
C THR A 460 -21.10 -14.88 -2.67
N ALA A 461 -19.78 -14.76 -2.38
CA ALA A 461 -18.99 -15.70 -1.59
C ALA A 461 -19.53 -15.85 -0.17
N PRO A 462 -19.69 -17.09 0.36
CA PRO A 462 -20.23 -17.26 1.72
C PRO A 462 -19.40 -16.57 2.80
N MET A 463 -20.07 -16.02 3.81
CA MET A 463 -19.38 -15.31 4.88
C MET A 463 -19.39 -16.07 6.20
N PHE A 464 -18.29 -15.95 6.96
CA PHE A 464 -18.12 -16.57 8.26
C PHE A 464 -17.86 -15.49 9.31
N ILE A 465 -18.56 -15.58 10.44
CA ILE A 465 -18.41 -14.60 11.52
C ILE A 465 -17.58 -15.19 12.66
N THR A 466 -16.49 -14.51 13.02
CA THR A 466 -15.57 -14.91 14.08
C THR A 466 -15.42 -13.81 15.15
N GLY A 467 -15.20 -14.25 16.38
CA GLY A 467 -15.06 -13.37 17.54
C GLY A 467 -15.89 -13.88 18.70
N ARG A 468 -15.26 -13.97 19.89
CA ARG A 468 -15.85 -14.46 21.14
C ARG A 468 -17.23 -13.85 21.42
N GLU A 469 -17.32 -12.51 21.43
CA GLU A 469 -18.57 -11.80 21.69
C GLU A 469 -19.54 -11.83 20.51
N MET A 470 -19.01 -11.92 19.27
CA MET A 470 -19.81 -12.01 18.04
C MET A 470 -20.63 -13.30 18.05
N LEU A 471 -19.99 -14.41 18.48
CA LEU A 471 -20.59 -15.74 18.59
C LEU A 471 -21.58 -15.75 19.75
N ALA A 472 -21.18 -15.20 20.91
CA ALA A 472 -21.97 -15.10 22.14
C ALA A 472 -23.31 -14.40 21.91
N SER A 473 -23.32 -13.36 21.05
CA SER A 473 -24.50 -12.60 20.67
C SER A 473 -25.57 -13.49 20.03
N ILE A 474 -25.17 -14.33 19.06
CA ILE A 474 -26.06 -15.25 18.34
C ILE A 474 -26.44 -16.45 19.22
N ASP A 475 -25.47 -16.96 20.01
CA ASP A 475 -25.67 -18.11 20.90
C ASP A 475 -26.66 -17.84 22.03
N THR A 476 -26.56 -16.67 22.69
CA THR A 476 -27.44 -16.24 23.78
C THR A 476 -28.92 -16.25 23.33
N LEU A 477 -29.18 -15.74 22.13
CA LEU A 477 -30.52 -15.69 21.53
C LEU A 477 -31.03 -17.07 21.13
N LYS A 478 -30.11 -17.97 20.71
CA LYS A 478 -30.43 -19.35 20.35
C LYS A 478 -30.75 -20.16 21.61
N ASP A 479 -29.96 -19.96 22.68
CA ASP A 479 -30.12 -20.64 23.99
C ASP A 479 -31.43 -20.28 24.68
N HIS A 480 -31.84 -19.00 24.60
CA HIS A 480 -33.10 -18.52 25.20
C HIS A 480 -34.31 -18.74 24.27
N ARG A 481 -34.10 -19.49 23.16
CA ARG A 481 -35.10 -19.83 22.14
C ARG A 481 -35.78 -18.63 21.47
N LEU A 482 -35.00 -17.55 21.27
CA LEU A 482 -35.45 -16.32 20.59
C LEU A 482 -35.10 -16.42 19.10
N LEU A 483 -33.96 -17.05 18.79
CA LEU A 483 -33.48 -17.30 17.43
C LEU A 483 -33.48 -18.81 17.13
N ARG A 484 -33.76 -19.17 15.86
CA ARG A 484 -33.77 -20.53 15.35
C ARG A 484 -32.38 -21.16 15.45
N SER A 485 -32.30 -22.48 15.60
CA SER A 485 -31.03 -23.22 15.66
C SER A 485 -30.38 -23.19 14.27
N ASP A 486 -31.22 -23.19 13.21
CA ASP A 486 -30.80 -23.09 11.81
C ASP A 486 -30.90 -21.60 11.37
N PHE A 487 -29.99 -20.77 11.89
CA PHE A 487 -29.95 -19.33 11.60
C PHE A 487 -29.03 -19.00 10.42
N SER A 488 -29.64 -18.66 9.27
CA SER A 488 -28.97 -18.32 8.02
C SER A 488 -28.35 -16.91 8.01
N GLY A 489 -28.92 -15.99 8.79
CA GLY A 489 -28.43 -14.62 8.88
C GLY A 489 -29.48 -13.56 8.62
N ASP A 490 -30.77 -13.89 8.82
CA ASP A 490 -31.92 -13.00 8.62
C ASP A 490 -31.84 -11.80 9.57
N VAL A 491 -31.76 -10.58 9.00
CA VAL A 491 -31.67 -9.31 9.72
C VAL A 491 -32.85 -9.11 10.67
N GLU A 492 -34.07 -9.23 10.12
CA GLU A 492 -35.34 -9.04 10.83
C GLU A 492 -35.54 -10.03 11.97
N GLU A 493 -35.11 -11.29 11.79
CA GLU A 493 -35.18 -12.35 12.81
C GLU A 493 -34.29 -11.98 14.00
N LEU A 494 -33.04 -11.58 13.71
CA LEU A 494 -32.03 -11.18 14.69
C LEU A 494 -32.43 -9.90 15.43
N ALA A 495 -32.91 -8.87 14.68
CA ALA A 495 -33.34 -7.58 15.24
C ALA A 495 -34.48 -7.74 16.25
N GLU A 496 -35.51 -8.56 15.92
CA GLU A 496 -36.67 -8.80 16.79
C GLU A 496 -36.29 -9.61 18.04
N ALA A 497 -35.43 -10.63 17.86
CA ALA A 497 -34.96 -11.49 18.95
C ALA A 497 -34.13 -10.69 19.97
N ALA A 498 -33.23 -9.83 19.47
CA ALA A 498 -32.39 -8.98 20.30
C ALA A 498 -33.20 -7.85 20.93
N ARG A 499 -34.24 -7.32 20.22
CA ARG A 499 -35.12 -6.26 20.71
C ARG A 499 -35.86 -6.72 21.97
N GLU A 500 -36.25 -8.01 22.01
CA GLU A 500 -36.92 -8.62 23.15
C GLU A 500 -35.93 -8.87 24.29
N PHE A 501 -34.76 -9.44 23.98
CA PHE A 501 -33.70 -9.75 24.96
C PHE A 501 -33.09 -8.49 25.59
N CYS A 502 -32.82 -7.45 24.79
CA CYS A 502 -32.21 -6.22 25.30
C CYS A 502 -33.16 -5.34 26.11
N SER A 503 -34.47 -5.59 26.00
CA SER A 503 -35.49 -4.87 26.77
C SER A 503 -35.74 -5.54 28.14
N SER A 504 -34.83 -6.46 28.54
CA SER A 504 -34.87 -7.19 29.81
C SER A 504 -34.46 -6.31 30.98
N GLU A 505 -35.07 -6.58 32.15
CA GLU A 505 -34.82 -5.87 33.41
C GLU A 505 -33.82 -6.64 34.27
N VAL A 506 -32.85 -5.93 34.88
CA VAL A 506 -31.85 -6.52 35.77
C VAL A 506 -32.36 -6.43 37.21
N ILE A 507 -32.53 -7.59 37.85
CA ILE A 507 -33.02 -7.69 39.23
C ILE A 507 -31.94 -8.28 40.12
N ILE A 508 -31.46 -7.49 41.11
CA ILE A 508 -30.44 -7.91 42.04
C ILE A 508 -31.06 -8.83 43.11
N ARG A 509 -31.06 -10.13 42.81
CA ARG A 509 -31.57 -11.19 43.68
C ARG A 509 -30.45 -11.60 44.63
N THR A 510 -30.76 -12.43 45.66
CA THR A 510 -29.76 -12.92 46.63
C THR A 510 -28.58 -13.57 45.92
N ASP A 511 -28.88 -14.41 44.91
CA ASP A 511 -27.90 -15.10 44.06
C ASP A 511 -27.06 -14.17 43.16
N GLY A 512 -27.39 -12.87 43.15
CA GLY A 512 -26.64 -11.87 42.40
C GLY A 512 -27.40 -11.17 41.28
N PRO A 513 -26.68 -10.45 40.38
CA PRO A 513 -27.36 -9.74 39.29
C PRO A 513 -27.86 -10.70 38.21
N VAL A 514 -29.18 -10.66 37.95
CA VAL A 514 -29.86 -11.56 37.00
C VAL A 514 -30.49 -10.76 35.86
N ILE A 515 -30.42 -11.29 34.63
CA ILE A 515 -31.04 -10.70 33.45
C ILE A 515 -32.39 -11.43 33.30
N GLN A 516 -33.50 -10.74 33.63
CA GLN A 516 -34.83 -11.32 33.53
C GLN A 516 -35.52 -10.93 32.22
N LEU A 517 -35.76 -11.92 31.35
CA LEU A 517 -36.38 -11.74 30.03
C LEU A 517 -37.87 -11.38 30.14
N GLY A 522 -37.37 -16.35 30.19
CA GLY A 522 -36.25 -16.99 30.87
C GLY A 522 -35.36 -16.04 31.64
N GLU A 523 -34.21 -16.56 32.14
CA GLU A 523 -33.23 -15.80 32.92
C GLU A 523 -31.80 -16.36 32.89
N GLN A 524 -30.81 -15.47 33.08
CA GLN A 524 -29.38 -15.79 33.14
C GLN A 524 -28.63 -14.78 34.02
N LYS A 525 -27.46 -15.18 34.53
CA LYS A 525 -26.64 -14.33 35.40
C LYS A 525 -25.94 -13.22 34.62
N LEU A 526 -25.93 -12.00 35.20
CA LEU A 526 -25.25 -10.84 34.63
C LEU A 526 -23.78 -10.92 35.06
N ASN A 527 -22.87 -10.90 34.09
CA ASN A 527 -21.42 -10.98 34.31
C ASN A 527 -20.65 -9.89 33.56
N SER A 528 -19.32 -9.81 33.79
CA SER A 528 -18.43 -8.83 33.19
C SER A 528 -18.23 -8.98 31.67
N LEU A 529 -18.82 -10.04 31.07
CA LEU A 529 -18.71 -10.33 29.63
C LEU A 529 -20.02 -10.10 28.86
N ASN A 530 -21.18 -10.35 29.50
CA ASN A 530 -22.50 -10.23 28.88
C ASN A 530 -23.27 -8.92 29.10
N PHE A 531 -22.85 -8.08 30.08
CA PHE A 531 -23.53 -6.81 30.42
C PHE A 531 -23.77 -5.86 29.23
N ASP A 532 -22.81 -5.80 28.29
CA ASP A 532 -22.88 -4.95 27.11
C ASP A 532 -22.89 -5.76 25.80
N LEU A 533 -23.51 -6.96 25.84
CA LEU A 533 -23.64 -7.86 24.68
C LEU A 533 -24.55 -7.26 23.61
N CYS A 534 -25.48 -6.37 24.02
CA CYS A 534 -26.42 -5.68 23.14
C CYS A 534 -25.77 -4.70 22.17
N LYS A 535 -24.58 -4.17 22.53
CA LYS A 535 -23.80 -3.27 21.68
C LYS A 535 -23.24 -4.10 20.51
N THR A 536 -22.74 -5.32 20.82
CA THR A 536 -22.20 -6.29 19.86
C THR A 536 -23.34 -6.83 18.97
N MET A 537 -24.56 -6.95 19.55
CA MET A 537 -25.76 -7.41 18.83
C MET A 537 -26.17 -6.37 17.80
N ALA A 538 -26.07 -5.07 18.15
CA ALA A 538 -26.37 -3.93 17.29
C ALA A 538 -25.37 -3.86 16.14
N LEU A 539 -24.08 -4.20 16.42
CA LEU A 539 -22.98 -4.23 15.46
C LEU A 539 -23.26 -5.28 14.39
N THR A 540 -23.75 -6.47 14.80
CA THR A 540 -24.10 -7.60 13.92
C THR A 540 -25.24 -7.20 12.97
N VAL A 541 -26.31 -6.56 13.52
CA VAL A 541 -27.49 -6.09 12.79
C VAL A 541 -27.09 -5.12 11.67
N SER A 542 -26.39 -4.03 12.01
CA SER A 542 -25.91 -3.01 11.06
C SER A 542 -24.94 -3.57 10.02
N LEU A 543 -24.16 -4.61 10.40
CA LEU A 543 -23.19 -5.28 9.52
C LEU A 543 -23.96 -6.10 8.48
N LEU A 544 -24.97 -6.87 8.93
CA LEU A 544 -25.81 -7.70 8.05
C LEU A 544 -26.70 -6.83 7.16
N ARG A 545 -27.06 -5.61 7.63
CA ARG A 545 -27.87 -4.64 6.90
C ARG A 545 -27.09 -4.12 5.69
N HIS A 546 -25.80 -3.76 5.89
CA HIS A 546 -24.91 -3.27 4.84
C HIS A 546 -24.51 -4.39 3.90
N MET A 547 -24.43 -5.63 4.41
CA MET A 547 -24.12 -6.83 3.63
C MET A 547 -25.27 -7.14 2.67
N ALA A 548 -26.53 -6.91 3.12
CA ALA A 548 -27.75 -7.09 2.34
C ALA A 548 -27.93 -5.98 1.31
N ALA A 549 -27.44 -4.77 1.62
CA ALA A 549 -27.51 -3.59 0.76
C ALA A 549 -26.61 -3.68 -0.49
N GLY A 550 -25.57 -4.50 -0.41
CA GLY A 550 -24.61 -4.72 -1.48
C GLY A 550 -25.20 -5.35 -2.73
N GLU A 551 -24.62 -5.02 -3.91
CA GLU A 551 -25.01 -5.51 -5.24
C GLU A 551 -25.05 -7.04 -5.27
N ASN A 552 -24.02 -7.68 -4.71
CA ASN A 552 -23.89 -9.13 -4.59
C ASN A 552 -23.96 -9.50 -3.10
N GLN A 553 -24.83 -10.46 -2.76
CA GLN A 553 -25.01 -10.91 -1.37
C GLN A 553 -24.43 -12.31 -1.15
N PRO A 554 -23.75 -12.56 0.00
CA PRO A 554 -23.18 -13.90 0.26
C PRO A 554 -24.21 -15.02 0.24
N SER A 555 -23.83 -16.20 -0.29
CA SER A 555 -24.68 -17.39 -0.41
C SER A 555 -25.30 -17.81 0.93
N PHE A 556 -24.52 -17.67 2.02
CA PHE A 556 -24.92 -17.94 3.41
C PHE A 556 -23.97 -17.25 4.38
N ILE A 557 -24.49 -16.89 5.57
CA ILE A 557 -23.69 -16.27 6.64
C ILE A 557 -23.68 -17.27 7.80
N LYS A 558 -22.48 -17.71 8.21
CA LYS A 558 -22.32 -18.69 9.29
C LYS A 558 -21.59 -18.15 10.50
N TRP A 559 -22.09 -18.53 11.69
CA TRP A 559 -21.50 -18.16 12.98
C TRP A 559 -20.88 -19.41 13.59
N GLU A 560 -19.56 -19.58 13.48
CA GLU A 560 -18.86 -20.73 14.01
C GLU A 560 -17.70 -20.42 14.93
N LYS A 561 -17.59 -21.18 16.03
CA LYS A 561 -16.54 -21.08 17.04
C LYS A 561 -15.25 -21.74 16.54
N SER A 562 -15.36 -22.94 15.94
CA SER A 562 -14.25 -23.73 15.40
C SER A 562 -14.74 -24.69 14.29
N ILE A 563 -13.83 -25.12 13.40
CA ILE A 563 -14.14 -26.03 12.30
C ILE A 563 -13.57 -27.42 12.58
N ALA A 564 -14.45 -28.45 12.57
CA ALA A 564 -14.10 -29.85 12.82
C ALA A 564 -13.29 -30.44 11.67
N GLY A 565 -12.22 -31.17 12.02
CA GLY A 565 -11.33 -31.81 11.07
C GLY A 565 -11.78 -33.19 10.63
N PRO A 566 -10.88 -34.02 10.05
CA PRO A 566 -11.28 -35.36 9.59
C PRO A 566 -11.70 -36.31 10.71
N ASP A 567 -11.04 -36.21 11.89
CA ASP A 567 -11.33 -37.06 13.06
C ASP A 567 -12.44 -36.50 13.98
N GLY A 568 -13.13 -35.45 13.52
CA GLY A 568 -14.22 -34.83 14.26
C GLY A 568 -13.77 -33.72 15.20
N LYS A 569 -12.49 -33.76 15.63
CA LYS A 569 -11.84 -32.78 16.50
C LYS A 569 -11.49 -31.53 15.67
N PRO A 570 -11.41 -30.30 16.26
CA PRO A 570 -11.13 -29.11 15.43
C PRO A 570 -9.79 -29.01 14.71
N LEU A 571 -8.70 -29.52 15.35
CA LEU A 571 -7.30 -29.50 14.87
C LEU A 571 -6.62 -28.17 15.17
N ALA A 572 -7.25 -27.04 14.78
CA ALA A 572 -6.74 -25.69 15.00
C ALA A 572 -7.86 -24.67 15.08
N ASP A 573 -7.66 -23.62 15.92
CA ASP A 573 -8.61 -22.52 16.11
C ASP A 573 -8.56 -21.55 14.94
N LEU A 574 -9.65 -20.79 14.76
CA LEU A 574 -9.75 -19.77 13.72
C LEU A 574 -8.90 -18.55 14.12
N GLY A 575 -8.34 -17.86 13.14
CA GLY A 575 -7.49 -16.69 13.34
C GLY A 575 -6.38 -16.58 12.32
N TRP A 576 -5.40 -15.71 12.57
CA TRP A 576 -4.28 -15.50 11.65
C TRP A 576 -3.10 -16.46 11.81
N GLN A 577 -3.08 -17.25 12.90
CA GLN A 577 -2.02 -18.20 13.27
C GLN A 577 -1.68 -19.24 12.21
N VAL A 578 -2.68 -20.06 11.78
CA VAL A 578 -2.51 -21.10 10.76
C VAL A 578 -2.15 -20.48 9.41
N GLY A 579 -2.79 -19.34 9.10
CA GLY A 579 -2.56 -18.58 7.88
C GLY A 579 -1.12 -18.14 7.70
N VAL A 580 -0.50 -17.59 8.77
CA VAL A 580 0.91 -17.15 8.74
C VAL A 580 1.88 -18.34 8.59
N ILE A 581 1.50 -19.52 9.11
CA ILE A 581 2.29 -20.76 8.97
C ILE A 581 2.25 -21.17 7.50
N LEU A 582 1.04 -21.28 6.93
CA LEU A 582 0.78 -21.63 5.54
C LEU A 582 1.42 -20.67 4.56
N HIS A 583 1.41 -19.36 4.89
CA HIS A 583 2.01 -18.28 4.10
C HIS A 583 3.51 -18.53 3.84
N HIS A 584 4.19 -19.18 4.81
CA HIS A 584 5.62 -19.49 4.70
C HIS A 584 5.89 -20.92 4.25
N VAL A 585 5.19 -21.92 4.86
CA VAL A 585 5.38 -23.35 4.57
C VAL A 585 5.07 -23.78 3.13
N LEU A 586 4.03 -23.19 2.52
CA LEU A 586 3.59 -23.55 1.16
C LEU A 586 4.57 -23.20 0.05
N PHE A 587 5.42 -22.17 0.27
CA PHE A 587 6.46 -21.82 -0.69
C PHE A 587 7.62 -22.79 -0.38
N THR A 588 7.51 -24.02 -0.93
CA THR A 588 8.42 -25.17 -0.75
C THR A 588 9.91 -24.84 -0.80
N GLU A 589 10.40 -24.29 -1.94
CA GLU A 589 11.81 -23.94 -2.15
C GLU A 589 12.32 -22.91 -1.13
N GLU A 590 11.56 -21.83 -0.92
CA GLU A 590 11.89 -20.75 0.00
C GLU A 590 11.85 -21.19 1.48
N TRP A 591 10.87 -22.05 1.87
CA TRP A 591 10.72 -22.58 3.24
C TRP A 591 11.88 -23.53 3.57
N GLY A 592 12.22 -24.41 2.63
CA GLY A 592 13.29 -25.38 2.77
C GLY A 592 14.65 -24.76 3.05
N ARG A 593 14.93 -23.61 2.41
CA ARG A 593 16.19 -22.87 2.58
C ARG A 593 16.29 -22.21 3.95
N THR A 594 15.26 -21.43 4.35
CA THR A 594 15.24 -20.70 5.61
C THR A 594 15.04 -21.58 6.86
N ALA A 595 14.15 -22.59 6.78
CA ALA A 595 13.84 -23.47 7.91
C ALA A 595 14.76 -24.66 8.09
N TYR A 596 15.28 -25.24 6.98
CA TYR A 596 16.13 -26.43 7.06
C TYR A 596 17.59 -26.24 6.64
N GLU A 597 17.86 -25.54 5.51
CA GLU A 597 19.24 -25.29 5.06
C GLU A 597 19.96 -24.35 6.03
N ALA A 598 19.32 -23.22 6.39
CA ALA A 598 19.85 -22.25 7.34
C ALA A 598 19.55 -22.76 8.75
N GLY A 599 18.26 -22.83 9.11
CA GLY A 599 17.75 -23.31 10.40
C GLY A 599 18.31 -22.62 11.62
N TYR A 600 18.30 -23.34 12.76
CA TYR A 600 18.84 -22.87 14.05
C TYR A 600 20.36 -22.76 14.00
N SER A 601 20.99 -23.49 13.05
CA SER A 601 22.43 -23.52 12.80
C SER A 601 22.98 -22.17 12.29
N HIS A 602 22.08 -21.29 11.81
CA HIS A 602 22.41 -19.94 11.35
C HIS A 602 22.77 -19.05 12.56
N ASN A 603 22.17 -19.35 13.73
CA ASN A 603 22.40 -18.62 14.98
C ASN A 603 23.67 -19.03 15.75
N LEU A 604 24.41 -20.05 15.27
CA LEU A 604 25.65 -20.53 15.90
C LEU A 604 26.74 -19.47 15.85
N GLU A 605 27.20 -19.03 17.05
CA GLU A 605 28.22 -17.98 17.21
C GLU A 605 29.57 -18.58 17.61
N ASP B 13 54.55 -27.44 -45.40
CA ASP B 13 53.61 -27.00 -46.43
C ASP B 13 52.28 -27.73 -46.27
N THR B 14 52.32 -29.08 -46.34
CA THR B 14 51.17 -29.97 -46.19
C THR B 14 50.54 -29.91 -44.79
N GLU B 15 51.36 -29.64 -43.75
CA GLU B 15 50.92 -29.51 -42.35
C GLU B 15 50.02 -28.27 -42.19
N LYS B 16 50.30 -27.19 -42.95
CA LYS B 16 49.51 -25.95 -42.92
C LYS B 16 48.12 -26.16 -43.55
N ARG B 17 48.03 -27.05 -44.55
CA ARG B 17 46.78 -27.42 -45.23
C ARG B 17 45.90 -28.21 -44.26
N ILE B 18 46.53 -29.08 -43.44
CA ILE B 18 45.93 -29.90 -42.39
C ILE B 18 45.36 -28.96 -41.29
N ASN B 19 46.13 -27.91 -40.95
CA ASN B 19 45.76 -26.90 -39.94
C ASN B 19 44.56 -26.05 -40.36
N VAL B 20 44.38 -25.82 -41.68
CA VAL B 20 43.24 -25.06 -42.24
C VAL B 20 41.94 -25.86 -41.99
N GLY B 21 41.99 -27.17 -42.23
CA GLY B 21 40.88 -28.08 -42.01
C GLY B 21 40.58 -28.30 -40.54
N LYS B 22 41.63 -28.25 -39.69
CA LYS B 22 41.53 -28.38 -38.25
C LYS B 22 40.87 -27.12 -37.67
N THR B 23 41.21 -25.93 -38.23
CA THR B 23 40.64 -24.64 -37.84
C THR B 23 39.18 -24.56 -38.30
N HIS B 24 38.88 -25.10 -39.50
CA HIS B 24 37.53 -25.18 -40.09
C HIS B 24 36.58 -25.90 -39.11
N LEU B 25 37.05 -27.00 -38.49
CA LEU B 25 36.29 -27.77 -37.51
C LEU B 25 36.22 -27.07 -36.17
N GLN B 26 37.31 -26.38 -35.77
CA GLN B 26 37.40 -25.65 -34.50
C GLN B 26 36.46 -24.44 -34.49
N THR B 27 36.43 -23.68 -35.61
CA THR B 27 35.58 -22.49 -35.78
C THR B 27 34.11 -22.90 -35.74
N LEU B 28 33.77 -24.03 -36.38
CA LEU B 28 32.41 -24.58 -36.42
C LEU B 28 31.98 -25.07 -35.04
N ARG B 29 32.93 -25.66 -34.26
CA ARG B 29 32.70 -26.15 -32.89
C ARG B 29 32.49 -24.99 -31.93
N ASN B 30 33.16 -23.84 -32.19
CA ASN B 30 33.05 -22.62 -31.39
C ASN B 30 31.59 -22.14 -31.41
N LEU B 31 31.00 -21.98 -32.62
CA LEU B 31 29.62 -21.56 -32.85
C LEU B 31 28.60 -22.39 -32.03
N GLU B 32 28.79 -23.73 -31.98
CA GLU B 32 27.96 -24.67 -31.23
C GLU B 32 28.04 -24.44 -29.71
N THR B 33 29.21 -24.02 -29.21
CA THR B 33 29.47 -23.80 -27.79
C THR B 33 29.30 -22.35 -27.31
N ARG B 34 29.74 -21.37 -28.14
CA ARG B 34 29.70 -19.93 -27.85
C ARG B 34 28.29 -19.34 -27.73
N CYS B 35 28.20 -18.14 -27.13
CA CYS B 35 26.96 -17.39 -26.95
C CYS B 35 26.76 -16.46 -28.15
N HIS B 36 25.57 -16.51 -28.77
CA HIS B 36 25.27 -15.67 -29.92
C HIS B 36 24.41 -14.48 -29.52
N ASP B 37 24.84 -13.28 -29.92
CA ASP B 37 24.15 -12.03 -29.63
C ASP B 37 23.21 -11.59 -30.75
N SER B 38 21.96 -11.27 -30.37
CA SER B 38 20.91 -10.82 -31.27
C SER B 38 20.34 -9.49 -30.78
N LEU B 39 19.83 -8.66 -31.71
CA LEU B 39 19.25 -7.37 -31.37
C LEU B 39 17.72 -7.44 -31.24
N GLN B 40 17.19 -6.90 -30.13
CA GLN B 40 15.76 -6.88 -29.83
C GLN B 40 15.29 -5.47 -29.50
N ALA B 41 14.10 -5.11 -30.00
CA ALA B 41 13.48 -3.81 -29.76
C ALA B 41 12.51 -3.92 -28.58
N LEU B 42 12.52 -2.90 -27.71
CA LEU B 42 11.64 -2.83 -26.54
C LEU B 42 10.83 -1.53 -26.60
N VAL B 43 9.50 -1.63 -26.45
CA VAL B 43 8.61 -0.48 -26.54
C VAL B 43 7.96 -0.11 -25.21
N VAL B 44 8.08 1.17 -24.83
CA VAL B 44 7.47 1.72 -23.62
C VAL B 44 6.52 2.83 -24.07
N ILE B 45 5.21 2.60 -23.90
CA ILE B 45 4.22 3.61 -24.27
C ILE B 45 3.90 4.44 -23.02
N ASP B 46 4.44 5.66 -23.00
CA ASP B 46 4.27 6.62 -21.91
C ASP B 46 2.86 7.21 -22.02
N ALA B 47 1.93 6.69 -21.21
CA ALA B 47 0.55 7.15 -21.20
C ALA B 47 0.39 8.21 -20.09
N GLY B 48 1.09 9.33 -20.30
CA GLY B 48 1.12 10.45 -19.37
C GLY B 48 -0.16 11.26 -19.23
N SER B 49 -0.06 12.41 -18.55
CA SER B 49 -1.18 13.30 -18.32
C SER B 49 -1.48 14.19 -19.52
N SER B 50 -0.43 14.84 -20.06
CA SER B 50 -0.51 15.73 -21.21
C SER B 50 -0.77 14.97 -22.51
N SER B 51 -0.07 13.83 -22.70
CA SER B 51 -0.16 13.03 -23.92
C SER B 51 0.19 11.55 -23.74
N THR B 52 -0.04 10.77 -24.79
CA THR B 52 0.32 9.35 -24.88
C THR B 52 1.32 9.24 -26.05
N ARG B 53 2.58 8.96 -25.71
CA ARG B 53 3.67 8.85 -26.68
C ARG B 53 4.38 7.50 -26.58
N THR B 54 4.98 7.05 -27.68
CA THR B 54 5.72 5.79 -27.73
C THR B 54 7.23 6.02 -27.61
N ASN B 55 7.92 5.14 -26.88
CA ASN B 55 9.37 5.20 -26.70
C ASN B 55 9.96 3.89 -27.21
N VAL B 56 10.73 3.98 -28.29
CA VAL B 56 11.35 2.80 -28.91
C VAL B 56 12.80 2.66 -28.46
N PHE B 57 13.11 1.53 -27.79
CA PHE B 57 14.43 1.20 -27.26
C PHE B 57 15.01 0.00 -27.99
N LEU B 58 16.36 -0.08 -28.06
CA LEU B 58 17.10 -1.21 -28.63
C LEU B 58 17.96 -1.81 -27.55
N ALA B 59 18.06 -3.14 -27.52
CA ALA B 59 18.86 -3.86 -26.54
C ALA B 59 19.50 -5.09 -27.16
N LYS B 60 20.66 -5.50 -26.62
CA LYS B 60 21.39 -6.66 -27.09
C LYS B 60 21.03 -7.88 -26.22
N THR B 61 20.48 -8.94 -26.84
CA THR B 61 20.13 -10.19 -26.17
C THR B 61 21.29 -11.17 -26.35
N ARG B 62 21.50 -12.04 -25.37
CA ARG B 62 22.55 -13.05 -25.44
C ARG B 62 21.97 -14.43 -25.18
N SER B 63 22.06 -15.32 -26.18
CA SER B 63 21.59 -16.70 -26.07
C SER B 63 22.80 -17.61 -25.91
N CYS B 64 22.85 -18.32 -24.77
CA CYS B 64 23.91 -19.26 -24.43
C CYS B 64 23.37 -20.70 -24.39
N PRO B 65 24.15 -21.71 -24.87
CA PRO B 65 23.66 -23.11 -24.82
C PRO B 65 23.42 -23.56 -23.38
N ASN B 66 22.21 -24.14 -23.13
CA ASN B 66 21.72 -24.63 -21.83
C ASN B 66 21.56 -23.53 -20.74
N LYS B 67 21.85 -22.25 -21.07
CA LYS B 67 21.73 -21.10 -20.16
C LYS B 67 20.55 -20.18 -20.46
N GLY B 68 20.00 -20.28 -21.67
CA GLY B 68 18.86 -19.47 -22.10
C GLY B 68 19.21 -18.16 -22.76
N ARG B 69 18.25 -17.22 -22.77
CA ARG B 69 18.38 -15.89 -23.38
C ARG B 69 18.11 -14.79 -22.34
N SER B 70 18.99 -13.77 -22.31
CA SER B 70 18.86 -12.62 -21.40
C SER B 70 19.38 -11.34 -22.01
N ILE B 71 18.74 -10.21 -21.64
CA ILE B 71 19.11 -8.87 -22.12
C ILE B 71 20.28 -8.31 -21.30
N ASP B 72 21.22 -7.66 -21.99
CA ASP B 72 22.35 -6.96 -21.37
C ASP B 72 21.77 -5.61 -20.89
N PRO B 73 21.69 -5.37 -19.55
CA PRO B 73 21.10 -4.12 -19.06
C PRO B 73 21.78 -2.84 -19.55
N ASP B 74 23.11 -2.88 -19.73
CA ASP B 74 23.92 -1.75 -20.18
C ASP B 74 23.85 -1.49 -21.69
N SER B 75 23.18 -2.38 -22.44
CA SER B 75 23.01 -2.28 -23.90
C SER B 75 21.73 -1.53 -24.27
N ILE B 76 20.84 -1.28 -23.27
CA ILE B 76 19.56 -0.59 -23.45
C ILE B 76 19.78 0.87 -23.85
N GLN B 77 19.37 1.22 -25.09
CA GLN B 77 19.49 2.56 -25.66
C GLN B 77 18.21 3.00 -26.35
N LEU B 78 17.77 4.24 -26.08
CA LEU B 78 16.58 4.83 -26.69
C LEU B 78 16.88 5.27 -28.13
N ILE B 79 16.03 4.84 -29.07
CA ILE B 79 16.16 5.20 -30.48
C ILE B 79 15.55 6.59 -30.69
N ARG B 80 14.25 6.74 -30.34
CA ARG B 80 13.51 7.99 -30.47
C ARG B 80 12.25 7.98 -29.61
N GLU B 81 11.84 9.16 -29.14
CA GLU B 81 10.58 9.37 -28.41
C GLU B 81 9.59 9.81 -29.47
N GLY B 82 8.50 9.06 -29.59
CA GLY B 82 7.46 9.30 -30.59
C GLY B 82 6.60 10.53 -30.40
N LYS B 83 5.69 10.75 -31.37
CA LYS B 83 4.73 11.87 -31.41
C LYS B 83 3.82 11.88 -30.18
N ARG B 84 3.48 13.08 -29.72
CA ARG B 84 2.63 13.28 -28.54
C ARG B 84 1.14 13.23 -28.93
N PHE B 85 0.56 12.02 -28.88
CA PHE B 85 -0.84 11.76 -29.22
C PHE B 85 -1.75 11.96 -28.01
N THR B 86 -3.08 11.80 -28.20
CA THR B 86 -4.13 11.96 -27.19
C THR B 86 -3.91 11.18 -25.89
N GLY B 87 -4.05 11.87 -24.77
CA GLY B 87 -3.94 11.28 -23.44
C GLY B 87 -5.12 10.38 -23.12
N LEU B 88 -4.90 9.33 -22.31
CA LEU B 88 -5.95 8.36 -21.93
C LEU B 88 -7.16 8.98 -21.25
N ARG B 89 -6.96 10.13 -20.56
CA ARG B 89 -8.05 10.86 -19.90
C ARG B 89 -9.06 11.35 -20.95
N VAL B 90 -8.55 12.02 -22.01
CA VAL B 90 -9.34 12.58 -23.12
C VAL B 90 -10.16 11.47 -23.80
N VAL B 91 -9.53 10.30 -24.02
CA VAL B 91 -10.13 9.10 -24.62
C VAL B 91 -11.37 8.66 -23.81
N LEU B 92 -11.20 8.50 -22.48
CA LEU B 92 -12.26 8.10 -21.55
C LEU B 92 -13.34 9.19 -21.40
N GLU B 93 -12.92 10.47 -21.36
CA GLU B 93 -13.82 11.61 -21.21
C GLU B 93 -14.69 11.83 -22.46
N GLU B 94 -14.17 11.51 -23.67
CA GLU B 94 -14.95 11.64 -24.91
C GLU B 94 -16.01 10.53 -24.92
N TRP B 95 -15.62 9.31 -24.47
CA TRP B 95 -16.48 8.14 -24.36
C TRP B 95 -17.66 8.43 -23.41
N LEU B 96 -17.40 9.15 -22.31
CA LEU B 96 -18.43 9.56 -21.35
C LEU B 96 -19.32 10.65 -21.95
N ASP B 97 -18.73 11.60 -22.69
CA ASP B 97 -19.45 12.68 -23.38
C ASP B 97 -20.43 12.12 -24.41
N THR B 98 -20.00 11.06 -25.12
CA THR B 98 -20.75 10.42 -26.20
C THR B 98 -21.71 9.31 -25.76
N TYR B 99 -21.50 8.69 -24.58
CA TYR B 99 -22.37 7.61 -24.11
C TYR B 99 -23.12 7.83 -22.79
N ALA B 100 -22.51 8.58 -21.85
CA ALA B 100 -23.16 8.93 -20.58
C ALA B 100 -23.84 10.31 -20.73
N GLY B 101 -23.53 10.99 -21.83
CA GLY B 101 -24.08 12.31 -22.15
C GLY B 101 -23.15 13.44 -21.75
N LYS B 102 -23.22 14.56 -22.50
CA LYS B 102 -22.43 15.77 -22.29
C LYS B 102 -22.73 16.38 -20.91
N ASP B 103 -21.69 16.98 -20.29
CA ASP B 103 -21.72 17.63 -18.97
C ASP B 103 -22.04 16.65 -17.83
N TRP B 104 -21.51 15.42 -17.94
CA TRP B 104 -21.64 14.33 -16.97
C TRP B 104 -20.94 14.67 -15.65
N GLU B 105 -20.07 15.71 -15.67
CA GLU B 105 -19.30 16.22 -14.54
C GLU B 105 -20.21 16.94 -13.52
N SER B 106 -21.30 17.55 -14.00
CA SER B 106 -22.25 18.33 -13.18
C SER B 106 -23.53 17.54 -12.82
N ARG B 107 -23.69 16.32 -13.37
CA ARG B 107 -24.87 15.49 -13.16
C ARG B 107 -24.51 14.15 -12.51
N PRO B 108 -25.41 13.55 -11.68
CA PRO B 108 -25.11 12.20 -11.16
C PRO B 108 -25.24 11.15 -12.28
N VAL B 109 -24.20 10.32 -12.46
CA VAL B 109 -24.14 9.30 -13.52
C VAL B 109 -24.11 7.88 -12.96
N ASP B 110 -25.03 7.01 -13.43
CA ASP B 110 -25.09 5.60 -13.02
C ASP B 110 -24.03 4.83 -13.83
N ALA B 111 -22.96 4.38 -13.15
CA ALA B 111 -21.84 3.64 -13.74
C ALA B 111 -22.23 2.26 -14.27
N ARG B 112 -23.25 1.61 -13.66
CA ARG B 112 -23.75 0.28 -14.06
C ARG B 112 -24.25 0.28 -15.51
N LEU B 113 -24.96 1.35 -15.91
CA LEU B 113 -25.52 1.52 -17.26
C LEU B 113 -24.46 1.62 -18.35
N LEU B 114 -23.26 2.13 -18.01
CA LEU B 114 -22.16 2.31 -18.96
C LEU B 114 -21.48 1.03 -19.44
N PHE B 115 -21.86 -0.14 -18.89
CA PHE B 115 -21.30 -1.43 -19.29
C PHE B 115 -21.73 -1.87 -20.68
N GLN B 116 -22.89 -1.39 -21.15
CA GLN B 116 -23.41 -1.69 -22.49
C GLN B 116 -22.64 -0.92 -23.60
N TYR B 117 -21.66 -0.09 -23.19
CA TYR B 117 -20.85 0.73 -24.09
C TYR B 117 -19.33 0.35 -24.09
N VAL B 118 -19.01 -0.89 -23.65
CA VAL B 118 -17.64 -1.42 -23.64
C VAL B 118 -17.09 -1.59 -25.09
N PRO B 119 -17.84 -2.18 -26.08
CA PRO B 119 -17.30 -2.25 -27.46
C PRO B 119 -17.10 -0.85 -28.05
N GLN B 120 -17.91 0.12 -27.59
CA GLN B 120 -17.84 1.53 -27.99
C GLN B 120 -16.59 2.18 -27.39
N MET B 121 -16.18 1.75 -26.19
CA MET B 121 -14.96 2.21 -25.51
C MET B 121 -13.76 1.62 -26.24
N HIS B 122 -13.89 0.37 -26.71
CA HIS B 122 -12.88 -0.38 -27.47
C HIS B 122 -12.60 0.28 -28.83
N GLU B 123 -13.66 0.72 -29.54
CA GLU B 123 -13.56 1.38 -30.85
C GLU B 123 -12.86 2.74 -30.76
N GLY B 124 -13.07 3.44 -29.64
CA GLY B 124 -12.44 4.73 -29.36
C GLY B 124 -10.97 4.57 -29.02
N ALA B 125 -10.64 3.50 -28.27
CA ALA B 125 -9.28 3.15 -27.86
C ALA B 125 -8.46 2.67 -29.06
N LYS B 126 -9.14 2.02 -30.04
CA LYS B 126 -8.56 1.50 -31.29
C LYS B 126 -7.99 2.62 -32.14
N LYS B 127 -8.66 3.80 -32.12
CA LYS B 127 -8.26 5.01 -32.85
C LYS B 127 -6.85 5.46 -32.46
N LEU B 128 -6.60 5.60 -31.15
CA LEU B 128 -5.32 6.01 -30.57
C LEU B 128 -4.24 4.93 -30.76
N MET B 129 -4.57 3.66 -30.50
CA MET B 129 -3.64 2.54 -30.62
C MET B 129 -3.12 2.28 -32.02
N GLN B 130 -3.93 2.58 -33.06
CA GLN B 130 -3.52 2.44 -34.45
C GLN B 130 -2.50 3.52 -34.82
N LEU B 131 -2.64 4.72 -34.23
CA LEU B 131 -1.73 5.85 -34.43
C LEU B 131 -0.37 5.58 -33.78
N LEU B 132 -0.38 5.05 -32.53
CA LEU B 132 0.82 4.70 -31.78
C LEU B 132 1.59 3.56 -32.46
N GLU B 133 0.86 2.57 -33.03
CA GLU B 133 1.44 1.44 -33.76
C GLU B 133 2.11 1.95 -35.02
N GLU B 134 1.41 2.82 -35.78
CA GLU B 134 1.89 3.45 -37.01
C GLU B 134 3.18 4.23 -36.75
N ASP B 135 3.22 4.99 -35.64
CA ASP B 135 4.37 5.79 -35.22
C ASP B 135 5.55 4.92 -34.77
N THR B 136 5.28 3.86 -33.98
CA THR B 136 6.28 2.90 -33.50
C THR B 136 6.99 2.22 -34.68
N VAL B 137 6.20 1.75 -35.67
CA VAL B 137 6.67 1.07 -36.88
C VAL B 137 7.53 2.04 -37.72
N ALA B 138 7.10 3.32 -37.82
CA ALA B 138 7.81 4.38 -38.55
C ALA B 138 9.22 4.61 -37.99
N ILE B 139 9.37 4.61 -36.64
CA ILE B 139 10.65 4.80 -35.94
C ILE B 139 11.58 3.61 -36.25
N LEU B 140 11.02 2.37 -36.14
CA LEU B 140 11.72 1.12 -36.40
C LEU B 140 12.22 1.02 -37.84
N ASP B 141 11.32 1.26 -38.83
CA ASP B 141 11.63 1.20 -40.27
C ASP B 141 12.71 2.18 -40.73
N SER B 142 12.66 3.43 -40.21
CA SER B 142 13.60 4.49 -40.57
C SER B 142 14.95 4.42 -39.85
N GLN B 143 15.01 3.77 -38.67
CA GLN B 143 16.24 3.70 -37.87
C GLN B 143 16.87 2.30 -37.70
N LEU B 144 16.59 1.36 -38.62
CA LEU B 144 17.15 0.00 -38.60
C LEU B 144 17.51 -0.49 -39.99
N ASN B 145 18.63 -1.22 -40.11
CA ASN B 145 19.07 -1.82 -41.37
C ASN B 145 18.37 -3.18 -41.56
N GLU B 146 18.38 -3.73 -42.79
CA GLU B 146 17.73 -5.01 -43.10
C GLU B 146 18.15 -6.19 -42.21
N GLU B 147 19.44 -6.28 -41.83
CA GLU B 147 19.98 -7.33 -40.96
C GLU B 147 19.39 -7.19 -39.55
N GLN B 148 19.35 -5.95 -39.03
CA GLN B 148 18.80 -5.60 -37.72
C GLN B 148 17.29 -5.87 -37.70
N LYS B 149 16.58 -5.52 -38.79
CA LYS B 149 15.14 -5.69 -38.96
C LYS B 149 14.72 -7.16 -38.81
N VAL B 150 15.49 -8.09 -39.43
CA VAL B 150 15.23 -9.54 -39.36
C VAL B 150 15.29 -10.02 -37.91
N GLN B 151 16.35 -9.62 -37.17
CA GLN B 151 16.60 -9.93 -35.76
C GLN B 151 15.47 -9.43 -34.86
N VAL B 152 15.05 -8.16 -35.07
CA VAL B 152 13.99 -7.49 -34.33
C VAL B 152 12.62 -8.17 -34.56
N LYS B 153 12.29 -8.46 -35.84
CA LYS B 153 11.03 -9.10 -36.23
C LYS B 153 10.91 -10.56 -35.77
N ALA B 154 12.06 -11.27 -35.63
CA ALA B 154 12.10 -12.67 -35.21
C ALA B 154 11.92 -12.87 -33.70
N LEU B 155 12.54 -12.00 -32.88
CA LEU B 155 12.49 -12.09 -31.41
C LEU B 155 11.16 -11.63 -30.79
N GLY B 156 10.48 -10.69 -31.44
CA GLY B 156 9.25 -10.12 -30.95
C GLY B 156 9.51 -8.85 -30.15
N ILE B 157 8.55 -7.92 -30.14
CA ILE B 157 8.70 -6.64 -29.44
C ILE B 157 7.83 -6.53 -28.18
N PRO B 158 8.42 -6.71 -26.98
CA PRO B 158 7.64 -6.54 -25.75
C PRO B 158 7.22 -5.08 -25.57
N VAL B 159 5.93 -4.84 -25.32
CA VAL B 159 5.34 -3.51 -25.17
C VAL B 159 4.91 -3.28 -23.71
N MET B 160 5.29 -2.12 -23.15
CA MET B 160 4.96 -1.73 -21.79
C MET B 160 4.24 -0.38 -21.76
N LEU B 161 2.89 -0.40 -21.79
CA LEU B 161 2.07 0.80 -21.72
C LEU B 161 1.69 1.02 -20.26
N CYS B 162 2.22 2.08 -19.65
CA CYS B 162 1.93 2.38 -18.26
C CYS B 162 1.35 3.77 -18.13
N SER B 163 0.17 3.87 -17.51
CA SER B 163 -0.47 5.16 -17.29
C SER B 163 0.07 5.79 -16.03
N THR B 164 0.24 7.11 -16.03
CA THR B 164 0.77 7.82 -14.88
C THR B 164 -0.31 8.63 -14.14
N ALA B 165 -0.06 9.92 -13.86
CA ALA B 165 -0.96 10.81 -13.12
C ALA B 165 -2.22 11.28 -13.86
N GLY B 166 -2.26 11.09 -15.18
CA GLY B 166 -3.39 11.47 -16.03
C GLY B 166 -4.69 10.79 -15.70
N VAL B 167 -4.63 9.47 -15.42
CA VAL B 167 -5.81 8.67 -15.07
C VAL B 167 -5.69 7.97 -13.70
N ARG B 168 -4.73 8.44 -12.87
CA ARG B 168 -4.49 7.91 -11.52
C ARG B 168 -5.70 8.21 -10.64
N ASP B 169 -6.23 9.45 -10.76
CA ASP B 169 -7.37 9.94 -10.00
C ASP B 169 -8.72 9.71 -10.71
N PHE B 170 -8.71 8.95 -11.83
CA PHE B 170 -9.93 8.66 -12.58
C PHE B 170 -10.93 7.85 -11.76
N HIS B 171 -12.21 8.22 -11.88
CA HIS B 171 -13.33 7.65 -11.14
C HIS B 171 -13.85 6.36 -11.74
N GLU B 172 -14.51 5.54 -10.87
CA GLU B 172 -15.16 4.27 -11.19
C GLU B 172 -14.28 3.21 -11.87
N TRP B 173 -14.91 2.13 -12.36
CA TRP B 173 -14.29 0.98 -13.02
C TRP B 173 -13.63 1.27 -14.39
N TYR B 174 -14.06 2.36 -15.07
CA TYR B 174 -13.64 2.76 -16.42
C TYR B 174 -12.15 2.60 -16.79
N ARG B 175 -11.23 3.19 -16.00
CA ARG B 175 -9.78 3.16 -16.23
C ARG B 175 -9.22 1.75 -16.38
N ASP B 176 -9.54 0.85 -15.43
CA ASP B 176 -9.09 -0.54 -15.42
C ASP B 176 -9.71 -1.38 -16.55
N ALA B 177 -10.94 -1.02 -16.97
CA ALA B 177 -11.66 -1.69 -18.06
C ALA B 177 -11.03 -1.31 -19.40
N LEU B 178 -10.53 -0.06 -19.53
CA LEU B 178 -9.86 0.43 -20.72
C LEU B 178 -8.54 -0.31 -20.92
N PHE B 179 -7.80 -0.58 -19.82
CA PHE B 179 -6.52 -1.29 -19.85
C PHE B 179 -6.60 -2.71 -20.39
N VAL B 180 -7.72 -3.42 -20.12
CA VAL B 180 -7.97 -4.77 -20.62
C VAL B 180 -8.09 -4.71 -22.15
N LEU B 181 -8.79 -3.68 -22.66
CA LEU B 181 -9.00 -3.44 -24.09
C LEU B 181 -7.71 -3.03 -24.78
N LEU B 182 -6.88 -2.18 -24.12
CA LEU B 182 -5.59 -1.70 -24.64
C LEU B 182 -4.63 -2.85 -24.90
N ARG B 183 -4.54 -3.81 -23.95
CA ARG B 183 -3.69 -5.00 -24.04
C ARG B 183 -4.09 -5.88 -25.23
N HIS B 184 -5.41 -6.04 -25.46
CA HIS B 184 -5.97 -6.79 -26.58
C HIS B 184 -5.60 -6.14 -27.92
N LEU B 185 -5.60 -4.79 -27.95
CA LEU B 185 -5.25 -4.02 -29.14
C LEU B 185 -3.76 -4.17 -29.49
N ILE B 186 -2.88 -4.17 -28.46
CA ILE B 186 -1.43 -4.35 -28.62
C ILE B 186 -1.14 -5.78 -29.07
N ASN B 187 -1.78 -6.78 -28.43
CA ASN B 187 -1.62 -8.20 -28.73
C ASN B 187 -2.11 -8.59 -30.13
N ASN B 188 -2.87 -7.70 -30.79
CA ASN B 188 -3.37 -7.91 -32.14
C ASN B 188 -2.88 -6.78 -33.08
N PRO B 189 -1.58 -6.76 -33.46
CA PRO B 189 -1.11 -5.69 -34.36
C PRO B 189 -1.33 -6.02 -35.84
N SER B 190 -1.01 -5.06 -36.73
CA SER B 190 -1.13 -5.22 -38.17
C SER B 190 -0.11 -6.26 -38.66
N PRO B 191 -0.56 -7.33 -39.37
CA PRO B 191 0.40 -8.35 -39.83
C PRO B 191 1.29 -7.89 -40.99
N ALA B 192 0.91 -6.78 -41.65
CA ALA B 192 1.60 -6.19 -42.79
C ALA B 192 3.04 -5.74 -42.50
N HIS B 193 3.26 -5.02 -41.38
CA HIS B 193 4.58 -4.49 -41.01
C HIS B 193 5.63 -5.52 -40.59
N GLY B 194 5.18 -6.67 -40.07
CA GLY B 194 6.08 -7.74 -39.65
C GLY B 194 6.58 -7.67 -38.22
N TYR B 195 6.53 -6.48 -37.60
CA TYR B 195 6.96 -6.26 -36.22
C TYR B 195 5.99 -6.95 -35.26
N LYS B 196 6.46 -8.00 -34.56
CA LYS B 196 5.65 -8.79 -33.65
C LYS B 196 5.52 -8.18 -32.24
N PHE B 197 4.58 -7.24 -32.08
CA PHE B 197 4.31 -6.58 -30.80
C PHE B 197 3.44 -7.48 -29.93
N PHE B 198 3.71 -7.50 -28.62
CA PHE B 198 2.97 -8.29 -27.63
C PHE B 198 3.07 -7.69 -26.23
N THR B 199 2.04 -7.91 -25.40
CA THR B 199 1.99 -7.45 -24.01
C THR B 199 1.29 -8.42 -23.06
N ASN B 200 1.23 -8.08 -21.75
CA ASN B 200 0.58 -8.86 -20.69
C ASN B 200 0.12 -7.94 -19.52
N PRO B 201 -0.71 -8.41 -18.55
CA PRO B 201 -1.14 -7.52 -17.45
C PRO B 201 -0.02 -7.02 -16.53
N PHE B 202 1.18 -7.65 -16.60
CA PHE B 202 2.34 -7.28 -15.80
C PHE B 202 3.10 -6.10 -16.42
N TRP B 203 3.19 -6.06 -17.77
CA TRP B 203 3.89 -5.00 -18.50
C TRP B 203 2.99 -3.79 -18.73
N THR B 204 1.77 -4.03 -19.27
CA THR B 204 0.79 -2.98 -19.54
C THR B 204 -0.21 -2.91 -18.38
N ARG B 205 -0.01 -1.94 -17.48
CA ARG B 205 -0.83 -1.70 -16.29
C ARG B 205 -0.65 -0.28 -15.74
N PRO B 206 -1.65 0.28 -14.99
CA PRO B 206 -1.44 1.63 -14.42
C PRO B 206 -0.42 1.59 -13.30
N ILE B 207 0.68 2.34 -13.44
CA ILE B 207 1.73 2.39 -12.41
C ILE B 207 1.43 3.44 -11.37
N THR B 208 1.66 3.12 -10.08
CA THR B 208 1.43 4.05 -8.97
C THR B 208 2.47 5.17 -8.98
N GLY B 209 2.19 6.26 -8.26
CA GLY B 209 3.10 7.39 -8.14
C GLY B 209 4.44 7.00 -7.55
N ALA B 210 4.42 6.11 -6.54
CA ALA B 210 5.60 5.55 -5.89
C ALA B 210 6.38 4.68 -6.90
N GLU B 211 5.66 3.88 -7.72
CA GLU B 211 6.28 3.04 -8.76
C GLU B 211 6.93 3.92 -9.82
N GLU B 212 6.24 5.01 -10.22
CA GLU B 212 6.71 6.00 -11.19
C GLU B 212 8.05 6.60 -10.74
N GLY B 213 8.13 6.93 -9.45
CA GLY B 213 9.32 7.48 -8.84
C GLY B 213 10.45 6.47 -8.67
N LEU B 214 10.10 5.22 -8.28
CA LEU B 214 11.06 4.14 -8.08
C LEU B 214 11.76 3.77 -9.39
N PHE B 215 11.00 3.73 -10.50
CA PHE B 215 11.55 3.43 -11.83
C PHE B 215 12.45 4.57 -12.30
N ALA B 216 12.10 5.82 -11.94
CA ALA B 216 12.89 7.02 -12.25
C ALA B 216 14.25 7.00 -11.53
N PHE B 217 14.27 6.44 -10.30
CA PHE B 217 15.46 6.23 -9.46
C PHE B 217 16.36 5.17 -10.11
N ILE B 218 15.76 4.04 -10.56
CA ILE B 218 16.48 2.94 -11.21
C ILE B 218 17.14 3.45 -12.50
N THR B 219 16.40 4.22 -13.31
CA THR B 219 16.86 4.83 -14.57
C THR B 219 18.09 5.71 -14.31
N LEU B 220 17.98 6.64 -13.34
CA LEU B 220 19.04 7.57 -12.96
C LEU B 220 20.33 6.85 -12.56
N ASN B 221 20.23 5.92 -11.60
CA ASN B 221 21.37 5.17 -11.09
C ASN B 221 21.99 4.18 -12.09
N HIS B 222 21.17 3.66 -13.04
CA HIS B 222 21.65 2.75 -14.07
C HIS B 222 22.54 3.48 -15.08
N LEU B 223 22.01 4.58 -15.65
CA LEU B 223 22.70 5.42 -16.64
C LEU B 223 23.94 6.11 -16.08
N SER B 224 23.89 6.54 -14.80
CA SER B 224 25.00 7.20 -14.12
C SER B 224 26.04 6.21 -13.57
N ARG B 225 25.86 4.90 -13.88
CA ARG B 225 26.71 3.77 -13.49
C ARG B 225 26.91 3.61 -11.97
N ARG B 226 25.89 4.01 -11.18
CA ARG B 226 25.88 3.91 -9.72
C ARG B 226 25.32 2.55 -9.30
N LEU B 227 24.32 2.05 -10.04
CA LEU B 227 23.66 0.77 -9.82
C LEU B 227 24.24 -0.31 -10.74
N GLY B 228 24.52 -1.48 -10.17
CA GLY B 228 25.06 -2.63 -10.88
C GLY B 228 25.41 -3.79 -9.98
N GLU B 229 25.47 -5.00 -10.57
CA GLU B 229 25.79 -6.24 -9.85
C GLU B 229 27.25 -6.72 -10.09
N ASP B 230 27.88 -6.23 -11.17
CA ASP B 230 29.26 -6.54 -11.54
C ASP B 230 30.29 -5.96 -10.55
N PRO B 231 31.52 -6.53 -10.44
CA PRO B 231 32.51 -5.99 -9.48
C PRO B 231 32.94 -4.54 -9.75
N ALA B 232 32.64 -4.00 -10.94
CA ALA B 232 32.97 -2.63 -11.32
C ALA B 232 32.06 -1.61 -10.66
N ARG B 233 30.81 -2.00 -10.34
CA ARG B 233 29.81 -1.12 -9.72
C ARG B 233 29.37 -1.56 -8.32
N SER B 234 29.83 -2.74 -7.87
CA SER B 234 29.46 -3.28 -6.56
C SER B 234 30.60 -4.08 -5.91
N MET B 235 30.57 -4.17 -4.57
CA MET B 235 31.57 -4.88 -3.77
C MET B 235 30.91 -5.79 -2.72
N ILE B 236 31.48 -6.99 -2.52
CA ILE B 236 30.99 -7.97 -1.55
C ILE B 236 31.91 -7.97 -0.32
N ASP B 237 31.33 -7.80 0.88
CA ASP B 237 32.06 -7.77 2.15
C ASP B 237 32.35 -9.20 2.67
N GLU B 238 33.02 -9.31 3.85
CA GLU B 238 33.36 -10.59 4.49
C GLU B 238 32.10 -11.39 4.88
N TYR B 239 30.94 -10.70 5.00
CA TYR B 239 29.68 -11.32 5.38
C TYR B 239 28.72 -11.56 4.22
N GLY B 240 29.28 -11.62 3.01
CA GLY B 240 28.56 -11.89 1.76
C GLY B 240 27.54 -10.87 1.30
N VAL B 241 27.45 -9.71 1.98
CA VAL B 241 26.51 -8.64 1.63
C VAL B 241 27.14 -7.75 0.55
N LYS B 242 26.41 -7.56 -0.55
CA LYS B 242 26.84 -6.73 -1.67
C LYS B 242 26.43 -5.28 -1.45
N HIS B 243 27.41 -4.38 -1.54
CA HIS B 243 27.22 -2.93 -1.38
C HIS B 243 27.61 -2.27 -2.70
N SER B 244 26.95 -1.15 -3.04
CA SER B 244 27.26 -0.40 -4.26
C SER B 244 28.54 0.39 -4.04
N ARG B 245 29.42 0.41 -5.08
CA ARG B 245 30.71 1.11 -5.12
C ARG B 245 30.58 2.58 -4.77
N ASN B 246 29.64 3.27 -5.44
CA ASN B 246 29.34 4.68 -5.27
C ASN B 246 27.93 4.82 -4.69
N ASP B 247 27.68 5.93 -3.97
CA ASP B 247 26.41 6.25 -3.34
C ASP B 247 25.26 6.32 -4.35
N LEU B 248 24.14 5.64 -4.04
CA LEU B 248 22.94 5.66 -4.88
C LEU B 248 22.32 7.06 -4.78
N ALA B 249 22.10 7.70 -5.92
CA ALA B 249 21.56 9.06 -6.00
C ALA B 249 20.04 9.08 -6.09
N GLY B 250 19.45 10.05 -5.41
CA GLY B 250 18.01 10.28 -5.38
C GLY B 250 17.55 11.18 -6.51
N VAL B 251 16.24 11.19 -6.79
CA VAL B 251 15.66 11.98 -7.88
C VAL B 251 14.40 12.79 -7.49
N VAL B 252 14.22 13.95 -8.13
CA VAL B 252 13.08 14.84 -7.98
C VAL B 252 12.54 15.11 -9.40
N GLU B 253 11.43 14.44 -9.76
CA GLU B 253 10.82 14.53 -11.09
C GLU B 253 9.49 15.28 -11.05
N VAL B 254 9.41 16.43 -11.73
CA VAL B 254 8.18 17.23 -11.80
C VAL B 254 7.68 17.17 -13.24
N GLY B 255 6.65 16.36 -13.46
CA GLY B 255 6.04 16.17 -14.78
C GLY B 255 4.92 17.13 -15.08
N GLY B 256 3.87 16.60 -15.71
CA GLY B 256 2.69 17.36 -16.11
C GLY B 256 1.63 17.49 -15.03
N ALA B 257 1.32 16.38 -14.33
CA ALA B 257 0.30 16.36 -13.27
C ALA B 257 0.80 15.99 -11.87
N SER B 258 1.98 15.36 -11.78
CA SER B 258 2.56 14.97 -10.49
C SER B 258 4.05 15.23 -10.38
N ALA B 259 4.51 15.40 -9.13
CA ALA B 259 5.90 15.61 -8.75
C ALA B 259 6.35 14.41 -7.91
N GLN B 260 7.52 13.83 -8.22
CA GLN B 260 8.06 12.68 -7.48
C GLN B 260 9.31 13.06 -6.69
N ILE B 261 9.38 12.60 -5.42
CA ILE B 261 10.52 12.82 -4.52
C ILE B 261 10.97 11.43 -4.08
N VAL B 262 12.14 11.00 -4.58
CA VAL B 262 12.72 9.67 -4.33
C VAL B 262 14.16 9.77 -3.85
N PHE B 263 14.48 9.06 -2.74
CA PHE B 263 15.83 9.04 -2.16
C PHE B 263 16.11 7.77 -1.34
N PRO B 264 17.31 7.16 -1.47
CA PRO B 264 17.62 5.98 -0.65
C PRO B 264 18.06 6.35 0.76
N LEU B 265 17.77 5.49 1.74
CA LEU B 265 18.13 5.71 3.14
C LEU B 265 19.55 5.21 3.44
N GLN B 266 20.42 6.11 3.93
CA GLN B 266 21.81 5.82 4.25
C GLN B 266 22.08 6.02 5.73
N THR B 269 19.10 4.66 8.21
CA THR B 269 18.26 5.64 8.87
C THR B 269 17.05 4.95 9.56
N VAL B 270 16.78 5.31 10.82
CA VAL B 270 15.62 4.78 11.59
C VAL B 270 14.43 5.69 11.35
N LEU B 271 13.33 5.13 10.81
CA LEU B 271 12.12 5.84 10.44
C LEU B 271 10.95 5.57 11.37
N PRO B 272 9.99 6.53 11.54
CA PRO B 272 8.82 6.27 12.39
C PRO B 272 7.91 5.20 11.80
N SER B 273 7.02 4.63 12.62
CA SER B 273 6.06 3.59 12.26
C SER B 273 5.12 4.00 11.11
N SER B 274 4.77 5.31 11.07
CA SER B 274 3.89 5.91 10.06
C SER B 274 4.56 5.98 8.68
N VAL B 275 5.88 6.29 8.65
CA VAL B 275 6.65 6.38 7.42
C VAL B 275 6.94 4.99 6.90
N ARG B 276 6.39 4.67 5.71
CA ARG B 276 6.54 3.36 5.06
C ARG B 276 7.49 3.40 3.86
N ALA B 277 8.76 3.05 4.11
CA ALA B 277 9.84 2.98 3.11
C ALA B 277 9.76 1.67 2.33
N VAL B 278 10.35 1.65 1.12
CA VAL B 278 10.31 0.49 0.24
C VAL B 278 11.70 -0.12 0.02
N ASN B 279 11.86 -1.41 0.33
CA ASN B 279 13.10 -2.14 0.08
C ASN B 279 13.00 -2.75 -1.32
N LEU B 280 13.94 -2.37 -2.20
CA LEU B 280 14.00 -2.77 -3.62
C LEU B 280 13.94 -4.28 -3.88
N GLN B 281 14.63 -5.08 -3.06
CA GLN B 281 14.66 -6.54 -3.19
C GLN B 281 13.42 -7.20 -2.61
N ARG B 282 12.93 -6.70 -1.46
CA ARG B 282 11.76 -7.21 -0.76
C ARG B 282 10.47 -6.92 -1.55
N GLU B 283 10.37 -5.73 -2.17
CA GLU B 283 9.21 -5.34 -2.98
C GLU B 283 9.36 -5.72 -4.47
N ARG B 284 10.31 -6.64 -4.76
CA ARG B 284 10.65 -7.22 -6.07
C ARG B 284 10.86 -6.22 -7.22
N LEU B 285 11.51 -5.08 -6.92
CA LEU B 285 11.83 -4.04 -7.90
C LEU B 285 13.15 -4.37 -8.58
N LEU B 286 14.12 -4.89 -7.79
CA LEU B 286 15.44 -5.31 -8.24
C LEU B 286 15.70 -6.73 -7.75
N PRO B 287 16.42 -7.59 -8.53
CA PRO B 287 16.68 -8.96 -8.07
C PRO B 287 17.65 -9.05 -6.89
N GLU B 288 17.65 -10.20 -6.19
CA GLU B 288 18.49 -10.48 -5.02
C GLU B 288 19.99 -10.21 -5.24
N ARG B 289 20.49 -10.46 -6.46
CA ARG B 289 21.89 -10.27 -6.85
C ARG B 289 22.35 -8.80 -6.83
N TYR B 290 21.41 -7.85 -6.95
CA TYR B 290 21.69 -6.42 -6.93
C TYR B 290 21.84 -5.90 -5.49
N PRO B 291 22.65 -4.82 -5.25
CA PRO B 291 22.80 -4.34 -3.86
C PRO B 291 21.50 -3.85 -3.23
N SER B 292 21.29 -4.16 -1.95
CA SER B 292 20.09 -3.79 -1.22
C SER B 292 20.06 -2.33 -0.83
N ALA B 293 18.86 -1.72 -0.90
CA ALA B 293 18.62 -0.32 -0.55
C ALA B 293 17.16 -0.09 -0.15
N ASP B 294 16.97 0.62 0.97
CA ASP B 294 15.65 1.01 1.48
C ASP B 294 15.43 2.41 0.97
N VAL B 295 14.49 2.55 0.02
CA VAL B 295 14.21 3.82 -0.66
C VAL B 295 12.84 4.39 -0.27
N VAL B 296 12.79 5.71 -0.03
CA VAL B 296 11.56 6.46 0.25
C VAL B 296 11.13 7.04 -1.11
N SER B 297 9.97 6.59 -1.60
CA SER B 297 9.42 7.07 -2.88
C SER B 297 8.04 7.64 -2.65
N VAL B 298 7.88 8.94 -2.96
CA VAL B 298 6.62 9.65 -2.78
C VAL B 298 6.27 10.51 -4.01
N SER B 299 4.98 10.52 -4.39
CA SER B 299 4.47 11.30 -5.52
C SER B 299 3.31 12.17 -5.08
N PHE B 300 3.31 13.43 -5.52
CA PHE B 300 2.26 14.37 -5.18
C PHE B 300 1.46 14.83 -6.38
N MET B 301 0.15 14.54 -6.38
CA MET B 301 -0.79 14.98 -7.41
C MET B 301 -0.99 16.48 -7.22
N GLN B 302 -1.42 17.18 -8.28
CA GLN B 302 -1.65 18.64 -8.31
C GLN B 302 -0.32 19.42 -8.18
N LEU B 303 0.83 18.73 -8.40
CA LEU B 303 2.15 19.33 -8.32
C LEU B 303 2.99 19.29 -9.60
N GLY B 304 2.36 18.85 -10.69
CA GLY B 304 2.97 18.82 -12.02
C GLY B 304 2.81 20.19 -12.69
N MET B 305 3.59 20.46 -13.75
CA MET B 305 3.57 21.73 -14.48
C MET B 305 2.18 22.25 -14.87
N ALA B 306 1.31 21.37 -15.38
CA ALA B 306 -0.05 21.73 -15.79
C ALA B 306 -1.01 21.82 -14.60
N SER B 307 -1.05 20.78 -13.75
CA SER B 307 -1.91 20.67 -12.57
C SER B 307 -1.69 21.76 -11.51
N SER B 308 -0.41 22.09 -11.20
CA SER B 308 -0.05 23.11 -10.22
C SER B 308 -0.36 24.51 -10.73
N ALA B 309 -0.29 24.73 -12.06
CA ALA B 309 -0.59 26.02 -12.70
C ALA B 309 -2.05 26.42 -12.48
N GLY B 310 -2.97 25.47 -12.70
CA GLY B 310 -4.40 25.65 -12.52
C GLY B 310 -4.80 25.88 -11.07
N LEU B 311 -4.24 25.07 -10.16
CA LEU B 311 -4.47 25.16 -8.72
C LEU B 311 -3.92 26.45 -8.12
N PHE B 312 -2.71 26.88 -8.54
CA PHE B 312 -2.07 28.11 -8.06
C PHE B 312 -2.91 29.34 -8.41
N LEU B 313 -3.31 29.46 -9.70
CA LEU B 313 -4.15 30.56 -10.20
C LEU B 313 -5.51 30.59 -9.49
N LYS B 314 -6.12 29.41 -9.25
CA LYS B 314 -7.40 29.28 -8.57
C LYS B 314 -7.31 29.79 -7.13
N GLU B 315 -6.31 29.31 -6.35
CA GLU B 315 -6.08 29.67 -4.95
C GLU B 315 -5.62 31.12 -4.74
N LEU B 316 -4.64 31.58 -5.56
CA LEU B 316 -4.09 32.94 -5.48
C LEU B 316 -5.14 33.99 -5.85
N CYS B 317 -5.89 33.76 -6.94
CA CYS B 317 -6.91 34.69 -7.41
C CYS B 317 -8.29 34.56 -6.75
N SER B 318 -8.30 33.97 -5.54
CA SER B 318 -9.46 33.80 -4.66
C SER B 318 -9.13 34.50 -3.34
N ASN B 319 -7.82 34.72 -3.09
CA ASN B 319 -7.28 35.41 -1.92
C ASN B 319 -7.50 36.92 -2.13
N ASP B 320 -8.14 37.59 -1.14
CA ASP B 320 -8.40 39.03 -1.18
C ASP B 320 -7.12 39.90 -1.17
N GLU B 321 -5.97 39.29 -0.81
CA GLU B 321 -4.65 39.91 -0.77
C GLU B 321 -4.10 40.11 -2.19
N PHE B 322 -4.70 39.42 -3.20
CA PHE B 322 -4.27 39.47 -4.60
C PHE B 322 -5.37 39.90 -5.56
N LEU B 323 -6.63 39.47 -5.32
CA LEU B 323 -7.78 39.85 -6.14
C LEU B 323 -8.45 41.11 -5.58
N GLN B 324 -8.42 42.20 -6.36
CA GLN B 324 -8.98 43.49 -5.99
C GLN B 324 -9.55 44.19 -7.23
N GLY B 325 -10.86 44.43 -7.21
CA GLY B 325 -11.59 45.07 -8.31
C GLY B 325 -11.51 44.31 -9.62
N GLY B 326 -11.68 42.99 -9.56
CA GLY B 326 -11.62 42.10 -10.70
C GLY B 326 -10.25 41.87 -11.29
N ILE B 327 -9.19 42.44 -10.66
CA ILE B 327 -7.81 42.30 -11.13
C ILE B 327 -6.98 41.51 -10.11
N CYS B 328 -6.57 40.29 -10.49
CA CYS B 328 -5.74 39.45 -9.64
C CYS B 328 -4.28 39.81 -9.88
N SER B 329 -3.57 40.21 -8.82
CA SER B 329 -2.16 40.58 -8.88
C SER B 329 -1.31 39.34 -8.67
N ASN B 330 -0.68 38.85 -9.75
CA ASN B 330 0.15 37.65 -9.72
C ASN B 330 1.64 37.98 -9.48
N PRO B 331 2.20 37.58 -8.32
CA PRO B 331 3.63 37.86 -8.08
C PRO B 331 4.59 36.96 -8.85
N CYS B 332 4.10 35.82 -9.39
CA CYS B 332 4.90 34.88 -10.18
C CYS B 332 5.01 35.27 -11.66
N LEU B 333 4.23 36.29 -12.09
CA LEU B 333 4.25 36.79 -13.47
C LEU B 333 4.96 38.14 -13.55
N PHE B 334 5.71 38.35 -14.67
CA PHE B 334 6.48 39.57 -14.93
C PHE B 334 5.64 40.83 -15.03
N LYS B 335 6.25 41.99 -14.70
CA LYS B 335 5.64 43.31 -14.78
C LYS B 335 5.45 43.66 -16.25
N GLY B 336 4.24 44.08 -16.60
CA GLY B 336 3.89 44.43 -17.97
C GLY B 336 3.15 43.33 -18.70
N PHE B 337 3.10 42.13 -18.09
CA PHE B 337 2.41 40.97 -18.65
C PHE B 337 1.00 40.87 -18.06
N GLN B 338 0.02 40.65 -18.94
CA GLN B 338 -1.39 40.50 -18.57
C GLN B 338 -2.12 39.45 -19.40
N GLN B 339 -2.98 38.65 -18.75
CA GLN B 339 -3.77 37.58 -19.36
C GLN B 339 -5.17 37.48 -18.75
N SER B 340 -6.14 36.92 -19.52
CA SER B 340 -7.53 36.72 -19.09
C SER B 340 -7.59 35.82 -17.86
N CYS B 341 -8.52 36.12 -16.93
CA CYS B 341 -8.65 35.36 -15.69
C CYS B 341 -9.31 33.99 -15.83
N SER B 342 -8.50 32.98 -16.23
CA SER B 342 -8.89 31.58 -16.43
C SER B 342 -7.63 30.70 -16.43
N ALA B 343 -7.79 29.41 -16.07
CA ALA B 343 -6.69 28.45 -16.05
C ALA B 343 -6.44 27.77 -17.41
N GLY B 344 -7.10 28.28 -18.46
CA GLY B 344 -6.98 27.77 -19.82
C GLY B 344 -5.59 27.93 -20.40
N GLU B 345 -5.26 27.11 -21.42
CA GLU B 345 -3.96 27.10 -22.10
C GLU B 345 -3.55 28.48 -22.63
N VAL B 346 -2.46 29.01 -22.07
CA VAL B 346 -1.91 30.33 -22.39
C VAL B 346 -0.96 30.24 -23.59
N GLU B 347 -1.23 31.08 -24.61
CA GLU B 347 -0.43 31.21 -25.82
C GLU B 347 0.05 32.66 -25.92
N VAL B 348 1.37 32.86 -25.98
CA VAL B 348 1.96 34.19 -26.07
C VAL B 348 2.12 34.58 -27.54
N ARG B 349 1.12 35.33 -28.05
CA ARG B 349 1.01 35.80 -29.43
C ARG B 349 2.15 36.75 -29.84
N PRO B 350 2.52 36.84 -31.14
CA PRO B 350 3.64 37.73 -31.55
C PRO B 350 3.44 39.22 -31.30
N ASP B 351 2.19 39.68 -31.10
CA ASP B 351 1.87 41.08 -30.83
C ASP B 351 2.02 41.49 -29.34
N GLY B 352 2.55 40.57 -28.52
CA GLY B 352 2.78 40.78 -27.10
C GLY B 352 1.67 40.29 -26.19
N SER B 353 0.46 40.09 -26.75
CA SER B 353 -0.73 39.63 -26.03
C SER B 353 -0.67 38.15 -25.65
N ALA B 354 -1.33 37.79 -24.55
CA ALA B 354 -1.42 36.43 -24.04
C ALA B 354 -2.86 35.94 -24.23
N SER B 355 -3.08 35.02 -25.20
CA SER B 355 -4.41 34.49 -25.48
C SER B 355 -4.68 33.22 -24.64
N VAL B 356 -5.77 33.25 -23.86
CA VAL B 356 -6.17 32.14 -22.99
C VAL B 356 -7.24 31.31 -23.70
N ASN B 357 -6.95 30.03 -23.95
CA ASN B 357 -7.84 29.08 -24.62
C ASN B 357 -9.14 28.85 -23.83
N GLU B 358 -10.29 29.02 -24.51
CA GLU B 358 -11.61 28.86 -23.90
C GLU B 358 -12.06 27.39 -23.78
N ASP B 359 -11.46 26.47 -24.56
CA ASP B 359 -11.77 25.04 -24.55
C ASP B 359 -11.64 24.44 -23.15
N VAL B 360 -12.75 23.89 -22.64
CA VAL B 360 -12.88 23.30 -21.30
C VAL B 360 -11.87 22.18 -21.02
N ARG B 361 -11.53 21.36 -22.04
CA ARG B 361 -10.56 20.27 -21.91
C ARG B 361 -9.14 20.83 -21.94
N LYS B 362 -8.91 21.91 -22.72
CA LYS B 362 -7.62 22.60 -22.79
C LYS B 362 -7.51 23.70 -21.70
N ASN B 363 -7.98 23.36 -20.50
CA ASN B 363 -7.94 24.17 -19.28
C ASN B 363 -7.19 23.37 -18.24
N ARG B 364 -6.25 24.01 -17.54
CA ARG B 364 -5.39 23.37 -16.54
C ARG B 364 -6.05 22.95 -15.21
N LEU B 365 -7.32 23.35 -14.98
CA LEU B 365 -8.08 23.00 -13.79
C LEU B 365 -9.00 21.79 -14.00
N LYS B 366 -9.36 21.50 -15.26
CA LYS B 366 -10.24 20.39 -15.67
C LYS B 366 -10.07 19.07 -14.88
N PRO B 367 -8.87 18.44 -14.78
CA PRO B 367 -8.76 17.20 -14.00
C PRO B 367 -9.07 17.35 -12.51
N LEU B 368 -8.70 18.50 -11.92
CA LEU B 368 -8.98 18.78 -10.51
C LEU B 368 -10.49 19.02 -10.28
N ALA B 369 -11.14 19.78 -11.18
CA ALA B 369 -12.58 20.08 -11.11
C ALA B 369 -13.44 18.85 -11.40
N THR B 370 -12.95 17.93 -12.25
CA THR B 370 -13.64 16.67 -12.59
C THR B 370 -13.56 15.72 -11.39
N TYR B 371 -12.41 15.68 -10.69
CA TYR B 371 -12.20 14.86 -9.50
C TYR B 371 -13.06 15.41 -8.37
N CYS B 372 -12.94 16.72 -8.10
CA CYS B 372 -13.67 17.44 -7.07
C CYS B 372 -15.13 17.68 -7.46
N SER B 373 -15.88 16.58 -7.59
CA SER B 373 -17.29 16.57 -7.96
C SER B 373 -18.08 15.78 -6.92
N VAL B 374 -19.24 16.30 -6.51
CA VAL B 374 -20.12 15.66 -5.53
C VAL B 374 -20.75 14.36 -6.07
N HIS B 375 -20.67 14.14 -7.40
CA HIS B 375 -21.19 12.97 -8.08
C HIS B 375 -20.16 11.84 -8.19
N ASN B 376 -18.89 12.15 -7.82
CA ASN B 376 -17.77 11.21 -7.76
C ASN B 376 -17.86 10.52 -6.39
N PRO B 377 -17.92 9.15 -6.31
CA PRO B 377 -18.03 8.49 -5.00
C PRO B 377 -16.90 8.78 -4.00
N GLU B 378 -15.76 9.30 -4.48
CA GLU B 378 -14.61 9.66 -3.67
C GLU B 378 -14.80 10.97 -2.89
N ILE B 379 -15.85 11.75 -3.21
CA ILE B 379 -16.17 13.02 -2.57
C ILE B 379 -17.48 12.93 -1.77
N SER B 380 -18.53 12.34 -2.38
CA SER B 380 -19.85 12.15 -1.78
C SER B 380 -19.88 11.27 -0.54
N PHE B 381 -18.97 10.29 -0.46
CA PHE B 381 -18.85 9.35 0.66
C PHE B 381 -17.72 9.72 1.62
N LYS B 382 -16.67 10.39 1.12
CA LYS B 382 -15.50 10.77 1.90
C LYS B 382 -15.42 12.28 2.16
N VAL B 383 -15.75 12.70 3.41
CA VAL B 383 -15.77 14.11 3.85
C VAL B 383 -14.37 14.72 3.78
N THR B 384 -13.33 13.94 4.18
CA THR B 384 -11.92 14.34 4.18
C THR B 384 -11.51 14.91 2.80
N ASN B 385 -11.90 14.21 1.71
CA ASN B 385 -11.62 14.60 0.33
C ASN B 385 -12.42 15.83 -0.10
N GLU B 386 -13.66 15.98 0.41
CA GLU B 386 -14.55 17.11 0.11
C GLU B 386 -13.95 18.39 0.67
N MET B 387 -13.42 18.32 1.91
CA MET B 387 -12.77 19.44 2.61
C MET B 387 -11.48 19.86 1.92
N GLN B 388 -10.76 18.88 1.34
CA GLN B 388 -9.51 19.09 0.58
C GLN B 388 -9.79 19.95 -0.65
N CYS B 389 -10.91 19.68 -1.36
CA CYS B 389 -11.35 20.39 -2.55
C CYS B 389 -11.75 21.82 -2.23
N ARG B 390 -12.56 22.00 -1.17
CA ARG B 390 -13.07 23.28 -0.69
C ARG B 390 -11.95 24.22 -0.23
N GLU B 391 -10.84 23.66 0.31
CA GLU B 391 -9.65 24.43 0.73
C GLU B 391 -8.95 25.06 -0.47
N ASN B 392 -9.07 24.42 -1.64
CA ASN B 392 -8.51 24.88 -2.92
C ASN B 392 -9.59 25.65 -3.72
N SER B 393 -10.58 26.23 -3.00
CA SER B 393 -11.71 27.03 -3.51
C SER B 393 -12.72 26.29 -4.40
N ILE B 394 -12.43 25.03 -4.77
CA ILE B 394 -13.31 24.19 -5.61
C ILE B 394 -14.54 23.72 -4.82
N ASP B 395 -15.74 24.04 -5.32
CA ASP B 395 -17.00 23.61 -4.71
C ASP B 395 -17.49 22.36 -5.48
N PRO B 396 -17.50 21.16 -4.87
CA PRO B 396 -17.94 19.96 -5.62
C PRO B 396 -19.43 19.90 -5.93
N THR B 397 -20.24 20.69 -5.20
CA THR B 397 -21.70 20.77 -5.37
C THR B 397 -22.07 21.57 -6.62
N LYS B 398 -21.29 22.63 -6.91
CA LYS B 398 -21.50 23.52 -8.06
C LYS B 398 -21.12 22.84 -9.40
N PRO B 399 -21.69 23.27 -10.55
CA PRO B 399 -21.34 22.64 -11.84
C PRO B 399 -19.89 22.85 -12.27
N LEU B 400 -19.40 21.99 -13.20
CA LEU B 400 -18.03 22.01 -13.73
C LEU B 400 -17.54 23.39 -14.19
N ALA B 401 -18.38 24.12 -14.94
CA ALA B 401 -18.06 25.47 -15.44
C ALA B 401 -17.77 26.43 -14.28
N GLU B 402 -18.58 26.38 -13.21
CA GLU B 402 -18.45 27.20 -12.01
C GLU B 402 -17.22 26.81 -11.16
N ARG B 403 -16.80 25.52 -11.23
CA ARG B 403 -15.66 24.98 -10.49
C ARG B 403 -14.34 25.54 -11.01
N MET B 404 -14.16 25.57 -12.35
CA MET B 404 -12.94 26.05 -13.03
C MET B 404 -12.91 27.57 -13.09
N LYS B 405 -14.07 28.21 -12.95
CA LYS B 405 -14.25 29.67 -12.97
C LYS B 405 -13.60 30.35 -11.78
N ILE B 406 -12.84 31.42 -12.06
CA ILE B 406 -12.21 32.24 -11.02
C ILE B 406 -13.24 33.35 -10.79
N GLU B 407 -14.06 33.19 -9.73
CA GLU B 407 -15.15 34.12 -9.36
C GLU B 407 -14.68 35.55 -9.15
N ASN B 408 -15.43 36.51 -9.72
CA ASN B 408 -15.20 37.97 -9.66
C ASN B 408 -13.79 38.40 -10.11
N CYS B 409 -13.29 37.77 -11.19
CA CYS B 409 -11.98 38.04 -11.77
C CYS B 409 -12.06 38.07 -13.30
N SER B 410 -11.48 39.11 -13.92
CA SER B 410 -11.47 39.29 -15.37
C SER B 410 -10.07 39.27 -15.99
N ILE B 411 -9.10 39.98 -15.37
CA ILE B 411 -7.71 40.07 -15.86
C ILE B 411 -6.68 39.75 -14.76
N ILE B 412 -5.61 39.02 -15.12
CA ILE B 412 -4.50 38.69 -14.24
C ILE B 412 -3.33 39.63 -14.61
N GLU B 413 -2.86 40.42 -13.64
CA GLU B 413 -1.76 41.38 -13.83
C GLU B 413 -0.51 40.90 -13.10
N GLY B 414 0.62 40.90 -13.79
CA GLY B 414 1.91 40.47 -13.24
C GLY B 414 2.59 41.56 -12.45
N THR B 415 2.94 41.25 -11.18
CA THR B 415 3.61 42.19 -10.27
C THR B 415 5.13 41.98 -10.14
N GLY B 416 5.59 40.82 -10.59
CA GLY B 416 7.01 40.45 -10.61
C GLY B 416 7.74 40.37 -9.28
N ASN B 417 7.00 40.19 -8.15
CA ASN B 417 7.61 40.08 -6.83
C ASN B 417 7.93 38.62 -6.53
N PHE B 418 9.23 38.27 -6.58
CA PHE B 418 9.69 36.88 -6.36
C PHE B 418 9.49 36.38 -4.93
N ASP B 419 9.81 37.20 -3.92
CA ASP B 419 9.65 36.84 -2.51
C ASP B 419 8.20 36.49 -2.18
N LYS B 420 7.25 37.27 -2.74
CA LYS B 420 5.81 37.07 -2.59
C LYS B 420 5.35 35.81 -3.33
N CYS B 421 6.01 35.51 -4.48
CA CYS B 421 5.76 34.34 -5.31
C CYS B 421 6.17 33.04 -4.58
N VAL B 422 7.29 33.09 -3.82
CA VAL B 422 7.81 31.97 -3.03
C VAL B 422 6.83 31.64 -1.90
N SER B 423 6.50 32.66 -1.07
CA SER B 423 5.58 32.52 0.07
C SER B 423 4.21 31.98 -0.32
N GLN B 424 3.76 32.24 -1.57
CA GLN B 424 2.48 31.75 -2.06
C GLN B 424 2.55 30.28 -2.51
N VAL B 425 3.58 29.92 -3.32
CA VAL B 425 3.81 28.54 -3.77
C VAL B 425 3.96 27.65 -2.52
N GLU B 426 4.61 28.21 -1.48
CA GLU B 426 4.84 27.60 -0.17
C GLU B 426 3.51 27.22 0.48
N SER B 427 2.64 28.22 0.75
CA SER B 427 1.33 28.04 1.39
C SER B 427 0.30 27.28 0.56
N ILE B 428 0.40 27.36 -0.78
CA ILE B 428 -0.55 26.72 -1.69
C ILE B 428 -0.16 25.29 -2.09
N LEU B 429 1.05 25.11 -2.65
CA LEU B 429 1.52 23.82 -3.16
C LEU B 429 2.46 23.01 -2.27
N VAL B 430 3.40 23.68 -1.58
CA VAL B 430 4.42 23.01 -0.75
C VAL B 430 3.93 22.59 0.65
N ALA B 431 3.38 23.54 1.42
CA ALA B 431 2.88 23.28 2.77
C ALA B 431 1.43 23.80 2.98
N PRO B 432 0.40 23.14 2.39
CA PRO B 432 -0.98 23.62 2.60
C PRO B 432 -1.60 23.08 3.90
N LYS B 433 -2.76 23.65 4.31
CA LYS B 433 -3.51 23.29 5.53
C LYS B 433 -3.89 21.80 5.49
N LEU B 434 -4.50 21.36 4.38
CA LEU B 434 -4.90 19.98 4.15
C LEU B 434 -4.10 19.42 2.97
N PRO B 435 -4.02 18.08 2.75
CA PRO B 435 -3.27 17.59 1.57
C PRO B 435 -4.00 17.93 0.27
N LEU B 436 -3.24 18.10 -0.83
CA LEU B 436 -3.82 18.42 -2.14
C LEU B 436 -4.69 17.24 -2.62
N PRO B 437 -5.85 17.50 -3.28
CA PRO B 437 -6.74 16.40 -3.67
C PRO B 437 -6.11 15.24 -4.45
N ALA B 438 -6.66 14.02 -4.22
CA ALA B 438 -6.27 12.74 -4.81
C ALA B 438 -4.87 12.27 -4.41
N ASN B 439 -4.44 12.60 -3.18
CA ASN B 439 -3.12 12.23 -2.65
C ASN B 439 -3.17 11.20 -1.52
N ILE B 440 -4.10 10.24 -1.60
CA ILE B 440 -4.24 9.18 -0.59
C ILE B 440 -3.03 8.24 -0.61
N GLU B 441 -2.42 8.04 -1.80
CA GLU B 441 -1.22 7.23 -2.00
C GLU B 441 -0.04 7.81 -1.22
N ALA B 442 0.11 9.15 -1.22
CA ALA B 442 1.17 9.84 -0.49
C ALA B 442 0.87 9.83 1.01
N ALA B 443 -0.40 10.06 1.39
CA ALA B 443 -0.87 10.08 2.78
C ALA B 443 -0.71 8.72 3.46
N SER B 444 -0.87 7.62 2.70
CA SER B 444 -0.74 6.23 3.18
C SER B 444 0.70 5.92 3.56
N SER B 445 1.67 6.45 2.80
CA SER B 445 3.10 6.27 3.06
C SER B 445 3.58 7.14 4.23
N GLY B 446 2.74 8.09 4.67
CA GLY B 446 3.00 8.97 5.80
C GLY B 446 3.32 10.42 5.47
N PHE B 447 2.97 10.88 4.25
CA PHE B 447 3.26 12.25 3.81
C PHE B 447 2.05 12.96 3.22
N GLU B 448 1.54 13.99 3.93
CA GLU B 448 0.41 14.78 3.48
C GLU B 448 0.84 15.82 2.43
N SER B 449 2.04 16.40 2.61
CA SER B 449 2.59 17.43 1.74
C SER B 449 4.11 17.30 1.53
N VAL B 450 4.68 18.15 0.64
CA VAL B 450 6.11 18.20 0.29
C VAL B 450 6.99 18.53 1.50
N ASP B 451 6.52 19.43 2.41
CA ASP B 451 7.27 19.81 3.60
C ASP B 451 7.46 18.64 4.58
N GLN B 452 6.45 17.76 4.67
CA GLN B 452 6.44 16.58 5.54
C GLN B 452 7.48 15.53 5.16
N VAL B 453 7.85 15.46 3.86
CA VAL B 453 8.83 14.50 3.31
C VAL B 453 10.17 14.54 4.06
N PHE B 454 10.77 15.73 4.16
CA PHE B 454 12.07 15.92 4.81
C PHE B 454 12.01 16.07 6.33
N ARG B 455 10.82 16.39 6.88
CA ARG B 455 10.62 16.52 8.32
C ARG B 455 10.53 15.14 8.99
N PHE B 456 10.11 14.12 8.22
CA PHE B 456 9.96 12.75 8.70
C PHE B 456 11.07 11.82 8.20
N ALA B 457 11.57 12.05 6.97
CA ALA B 457 12.62 11.23 6.35
C ALA B 457 13.71 12.09 5.70
N SER B 458 14.97 11.87 6.09
CA SER B 458 16.10 12.61 5.55
C SER B 458 17.26 11.68 5.21
N SER B 459 18.04 12.04 4.17
CA SER B 459 19.18 11.24 3.74
C SER B 459 20.31 12.10 3.18
N THR B 460 21.56 11.66 3.41
CA THR B 460 22.77 12.31 2.92
C THR B 460 23.06 11.96 1.45
N ALA B 461 22.23 11.07 0.85
CA ALA B 461 22.33 10.60 -0.54
C ALA B 461 22.21 11.77 -1.53
N PRO B 462 23.09 11.85 -2.55
CA PRO B 462 23.02 12.97 -3.52
C PRO B 462 21.68 13.05 -4.25
N MET B 463 21.20 14.27 -4.52
CA MET B 463 19.93 14.47 -5.19
C MET B 463 20.08 14.98 -6.62
N PHE B 464 19.19 14.53 -7.50
CA PHE B 464 19.14 14.92 -8.90
C PHE B 464 17.79 15.55 -9.22
N ILE B 465 17.80 16.69 -9.91
CA ILE B 465 16.57 17.38 -10.28
C ILE B 465 16.25 17.17 -11.76
N THR B 466 15.06 16.62 -12.04
CA THR B 466 14.57 16.31 -13.39
C THR B 466 13.24 17.01 -13.68
N GLY B 467 13.06 17.40 -14.94
CA GLY B 467 11.88 18.12 -15.42
C GLY B 467 12.28 19.27 -16.32
N ARG B 468 11.63 19.37 -17.50
CA ARG B 468 11.88 20.38 -18.53
C ARG B 468 11.94 21.80 -17.97
N GLU B 469 10.91 22.23 -17.23
CA GLU B 469 10.84 23.56 -16.64
C GLU B 469 11.74 23.71 -15.41
N MET B 470 12.00 22.61 -14.67
CA MET B 470 12.88 22.60 -13.48
C MET B 470 14.31 22.93 -13.91
N LEU B 471 14.75 22.36 -15.06
CA LEU B 471 16.07 22.56 -15.65
C LEU B 471 16.15 23.97 -16.23
N ALA B 472 15.10 24.39 -16.97
CA ALA B 472 14.97 25.70 -17.61
C ALA B 472 15.14 26.84 -16.61
N SER B 473 14.61 26.66 -15.38
CA SER B 473 14.70 27.63 -14.29
C SER B 473 16.15 27.94 -13.92
N ILE B 474 16.97 26.88 -13.74
CA ILE B 474 18.39 27.00 -13.39
C ILE B 474 19.23 27.46 -14.59
N ASP B 475 18.92 26.95 -15.79
CA ASP B 475 19.61 27.28 -17.03
C ASP B 475 19.48 28.75 -17.43
N THR B 476 18.25 29.31 -17.36
CA THR B 476 17.94 30.71 -17.69
C THR B 476 18.81 31.67 -16.86
N LEU B 477 18.96 31.39 -15.56
CA LEU B 477 19.76 32.18 -14.63
C LEU B 477 21.27 32.03 -14.89
N LYS B 478 21.70 30.84 -15.35
CA LYS B 478 23.09 30.55 -15.70
C LYS B 478 23.45 31.28 -17.01
N ASP B 479 22.53 31.24 -18.00
CA ASP B 479 22.69 31.87 -19.32
C ASP B 479 22.78 33.39 -19.24
N HIS B 480 21.99 34.02 -18.35
CA HIS B 480 21.99 35.47 -18.13
C HIS B 480 23.07 35.91 -17.13
N ARG B 481 23.96 34.98 -16.75
CA ARG B 481 25.07 35.17 -15.81
C ARG B 481 24.67 35.68 -14.42
N LEU B 482 23.50 35.22 -13.94
CA LEU B 482 22.96 35.54 -12.60
C LEU B 482 23.41 34.46 -11.62
N LEU B 483 23.48 33.20 -12.10
CA LEU B 483 23.93 32.04 -11.34
C LEU B 483 25.24 31.52 -11.92
N ARG B 484 26.13 31.01 -11.05
CA ARG B 484 27.42 30.43 -11.42
C ARG B 484 27.22 29.16 -12.25
N SER B 485 28.18 28.85 -13.14
CA SER B 485 28.14 27.63 -13.96
C SER B 485 28.34 26.40 -13.06
N ASP B 486 29.17 26.58 -12.00
CA ASP B 486 29.46 25.58 -10.98
C ASP B 486 28.53 25.82 -9.78
N PHE B 487 27.24 25.57 -9.98
CA PHE B 487 26.23 25.82 -8.95
C PHE B 487 25.80 24.58 -8.16
N SER B 488 25.91 24.66 -6.83
CA SER B 488 25.49 23.64 -5.89
C SER B 488 24.02 23.92 -5.51
N GLY B 489 23.52 23.36 -4.42
CA GLY B 489 22.16 23.59 -3.97
C GLY B 489 22.03 24.81 -3.06
N ASP B 490 22.81 25.87 -3.35
CA ASP B 490 22.82 27.12 -2.57
C ASP B 490 21.54 27.92 -2.80
N VAL B 491 20.62 27.84 -1.84
CA VAL B 491 19.32 28.50 -1.85
C VAL B 491 19.41 30.05 -1.95
N GLU B 492 20.31 30.68 -1.17
CA GLU B 492 20.52 32.13 -1.15
C GLU B 492 21.00 32.68 -2.51
N GLU B 493 21.88 31.91 -3.21
CA GLU B 493 22.40 32.26 -4.53
C GLU B 493 21.26 32.25 -5.55
N LEU B 494 20.43 31.18 -5.52
CA LEU B 494 19.28 30.97 -6.39
C LEU B 494 18.18 32.00 -6.14
N ALA B 495 17.85 32.26 -4.85
CA ALA B 495 16.82 33.22 -4.45
C ALA B 495 17.13 34.65 -4.94
N GLU B 496 18.40 35.11 -4.79
CA GLU B 496 18.84 36.44 -5.20
C GLU B 496 18.87 36.57 -6.74
N ALA B 497 19.35 35.53 -7.44
CA ALA B 497 19.43 35.51 -8.90
C ALA B 497 18.03 35.57 -9.52
N ALA B 498 17.08 34.79 -8.98
CA ALA B 498 15.70 34.76 -9.45
C ALA B 498 14.96 36.04 -9.06
N ARG B 499 15.29 36.63 -7.89
CA ARG B 499 14.68 37.88 -7.40
C ARG B 499 14.96 39.02 -8.39
N GLU B 500 16.16 39.03 -8.98
CA GLU B 500 16.57 40.02 -9.97
C GLU B 500 15.90 39.75 -11.31
N PHE B 501 15.91 38.48 -11.78
CA PHE B 501 15.30 38.06 -13.05
C PHE B 501 13.79 38.21 -13.07
N CYS B 502 13.10 37.84 -11.97
CA CYS B 502 11.64 37.93 -11.92
C CYS B 502 11.09 39.33 -11.76
N SER B 503 11.96 40.30 -11.38
CA SER B 503 11.61 41.71 -11.25
C SER B 503 11.78 42.46 -12.60
N SER B 504 11.93 41.68 -13.70
CA SER B 504 12.10 42.20 -15.06
C SER B 504 10.78 42.70 -15.63
N GLU B 505 10.88 43.74 -16.49
CA GLU B 505 9.74 44.36 -17.16
C GLU B 505 9.59 43.81 -18.58
N VAL B 506 8.33 43.54 -18.98
CA VAL B 506 8.00 43.04 -20.32
C VAL B 506 7.68 44.23 -21.22
N ILE B 507 8.48 44.41 -22.30
CA ILE B 507 8.31 45.49 -23.26
C ILE B 507 8.03 44.89 -24.65
N ILE B 508 6.87 45.23 -25.23
CA ILE B 508 6.46 44.74 -26.55
C ILE B 508 7.30 45.47 -27.61
N ARG B 509 8.33 44.77 -28.12
CA ARG B 509 9.27 45.28 -29.13
C ARG B 509 8.78 45.03 -30.57
N THR B 510 9.51 45.57 -31.57
CA THR B 510 9.23 45.47 -33.01
C THR B 510 9.08 44.03 -33.54
N ASP B 511 9.87 43.09 -32.99
CA ASP B 511 9.84 41.67 -33.38
C ASP B 511 8.77 40.88 -32.61
N GLY B 512 8.58 41.22 -31.34
CA GLY B 512 7.61 40.58 -30.45
C GLY B 512 7.84 40.86 -28.98
N PRO B 513 7.20 40.07 -28.07
CA PRO B 513 7.40 40.32 -26.62
C PRO B 513 8.78 39.90 -26.12
N VAL B 514 9.50 40.84 -25.46
CA VAL B 514 10.86 40.64 -24.95
C VAL B 514 10.92 40.94 -23.44
N ILE B 515 11.56 40.03 -22.68
CA ILE B 515 11.76 40.17 -21.23
C ILE B 515 13.04 40.98 -21.04
N GLN B 516 12.95 42.16 -20.41
CA GLN B 516 14.10 43.05 -20.20
C GLN B 516 14.56 43.02 -18.74
N LEU B 517 15.78 42.51 -18.51
CA LEU B 517 16.39 42.39 -17.18
C LEU B 517 16.78 43.74 -16.56
N PRO B 518 16.62 43.93 -15.23
CA PRO B 518 16.98 45.23 -14.61
C PRO B 518 18.48 45.51 -14.62
N ASN B 519 18.85 46.80 -14.48
CA ASN B 519 20.24 47.31 -14.47
C ASN B 519 20.99 46.98 -15.78
N ALA B 520 20.24 46.93 -16.91
CA ALA B 520 20.71 46.61 -18.27
C ALA B 520 21.56 45.33 -18.34
N ARG B 521 21.12 44.28 -17.62
CA ARG B 521 21.80 43.00 -17.56
C ARG B 521 21.72 42.20 -18.86
N GLY B 522 20.52 42.11 -19.44
CA GLY B 522 20.27 41.38 -20.68
C GLY B 522 18.81 41.30 -21.07
N GLU B 523 18.51 40.49 -22.12
CA GLU B 523 17.16 40.29 -22.63
C GLU B 523 16.95 38.98 -23.40
N GLN B 524 15.70 38.47 -23.41
CA GLN B 524 15.28 37.26 -24.13
C GLN B 524 13.80 37.36 -24.54
N LYS B 525 13.42 36.63 -25.60
CA LYS B 525 12.05 36.64 -26.10
C LYS B 525 11.07 35.91 -25.17
N LEU B 526 9.90 36.53 -24.95
CA LEU B 526 8.83 35.99 -24.11
C LEU B 526 8.01 35.00 -24.95
N ASN B 527 7.86 33.77 -24.44
CA ASN B 527 7.10 32.71 -25.09
C ASN B 527 6.08 32.03 -24.17
N SER B 528 5.31 31.06 -24.72
CA SER B 528 4.29 30.28 -24.01
C SER B 528 4.87 29.26 -23.00
N LEU B 529 6.22 29.15 -22.90
CA LEU B 529 6.90 28.23 -21.99
C LEU B 529 7.62 28.93 -20.82
N ASN B 530 8.16 30.15 -21.06
CA ASN B 530 8.93 30.90 -20.06
C ASN B 530 8.16 31.98 -19.28
N PHE B 531 6.94 32.37 -19.71
CA PHE B 531 6.13 33.42 -19.07
C PHE B 531 5.91 33.23 -17.57
N ASP B 532 5.72 31.97 -17.12
CA ASP B 532 5.48 31.62 -15.72
C ASP B 532 6.61 30.73 -15.14
N LEU B 533 7.86 30.95 -15.61
CA LEU B 533 9.05 30.22 -15.16
C LEU B 533 9.38 30.56 -13.70
N CYS B 534 8.96 31.75 -13.23
CA CYS B 534 9.18 32.23 -11.87
C CYS B 534 8.42 31.44 -10.80
N LYS B 535 7.29 30.80 -11.19
CA LYS B 535 6.49 29.95 -10.31
C LYS B 535 7.31 28.68 -10.02
N THR B 536 7.94 28.12 -11.08
CA THR B 536 8.81 26.93 -11.04
C THR B 536 10.10 27.26 -10.27
N MET B 537 10.57 28.52 -10.36
CA MET B 537 11.76 29.01 -9.67
C MET B 537 11.50 29.06 -8.17
N ALA B 538 10.28 29.50 -7.78
CA ALA B 538 9.81 29.57 -6.39
C ALA B 538 9.68 28.17 -5.80
N LEU B 539 9.23 27.19 -6.63
CA LEU B 539 9.06 25.78 -6.28
C LEU B 539 10.42 25.18 -5.91
N THR B 540 11.47 25.49 -6.70
CA THR B 540 12.85 25.02 -6.51
C THR B 540 13.40 25.55 -5.17
N VAL B 541 13.21 26.87 -4.90
CA VAL B 541 13.65 27.57 -3.68
C VAL B 541 13.08 26.90 -2.43
N SER B 542 11.73 26.78 -2.35
CA SER B 542 11.02 26.16 -1.22
C SER B 542 11.37 24.68 -1.05
N LEU B 543 11.69 23.98 -2.16
CA LEU B 543 12.08 22.57 -2.15
C LEU B 543 13.47 22.42 -1.53
N LEU B 544 14.42 23.28 -1.94
CA LEU B 544 15.80 23.29 -1.42
C LEU B 544 15.83 23.76 0.03
N ARG B 545 14.86 24.61 0.43
CA ARG B 545 14.71 25.13 1.80
C ARG B 545 14.35 23.99 2.75
N HIS B 546 13.36 23.15 2.35
CA HIS B 546 12.92 21.99 3.13
C HIS B 546 13.95 20.88 3.13
N MET B 547 14.73 20.78 2.04
CA MET B 547 15.82 19.82 1.90
C MET B 547 16.96 20.16 2.86
N ALA B 548 17.22 21.48 3.06
CA ALA B 548 18.23 22.01 3.97
C ALA B 548 17.79 21.89 5.43
N ALA B 549 16.45 21.96 5.67
CA ALA B 549 15.84 21.87 6.99
C ALA B 549 15.93 20.46 7.61
N GLY B 550 16.06 19.44 6.76
CA GLY B 550 16.16 18.03 7.16
C GLY B 550 17.38 17.71 7.99
N GLU B 551 17.25 16.70 8.88
CA GLU B 551 18.30 16.19 9.78
C GLU B 551 19.55 15.82 9.00
N ASN B 552 19.38 15.11 7.87
CA ASN B 552 20.44 14.70 6.96
C ASN B 552 20.26 15.44 5.64
N GLN B 553 21.33 16.07 5.14
CA GLN B 553 21.29 16.83 3.89
C GLN B 553 22.05 16.12 2.78
N PRO B 554 21.52 16.10 1.52
CA PRO B 554 22.24 15.44 0.41
C PRO B 554 23.65 15.99 0.18
N SER B 555 24.60 15.09 -0.18
CA SER B 555 26.00 15.42 -0.44
C SER B 555 26.17 16.52 -1.49
N PHE B 556 25.30 16.50 -2.53
CA PHE B 556 25.22 17.49 -3.61
C PHE B 556 23.87 17.42 -4.31
N ILE B 557 23.42 18.56 -4.86
CA ILE B 557 22.17 18.65 -5.62
C ILE B 557 22.55 19.00 -7.06
N LYS B 558 22.19 18.13 -8.01
CA LYS B 558 22.53 18.32 -9.43
C LYS B 558 21.32 18.51 -10.33
N TRP B 559 21.45 19.43 -11.29
CA TRP B 559 20.42 19.74 -12.28
C TRP B 559 20.92 19.26 -13.65
N GLU B 560 20.45 18.08 -14.07
CA GLU B 560 20.88 17.51 -15.36
C GLU B 560 19.73 17.13 -16.28
N LYS B 561 19.91 17.43 -17.59
CA LYS B 561 18.96 17.15 -18.66
C LYS B 561 19.02 15.67 -19.06
N SER B 562 20.25 15.13 -19.20
CA SER B 562 20.53 13.74 -19.59
C SER B 562 21.91 13.32 -19.09
N ILE B 563 22.14 11.99 -18.94
CA ILE B 563 23.42 11.44 -18.48
C ILE B 563 24.17 10.78 -19.63
N ALA B 564 25.40 11.24 -19.89
CA ALA B 564 26.28 10.74 -20.95
C ALA B 564 26.79 9.33 -20.65
N GLY B 565 26.75 8.47 -21.68
CA GLY B 565 27.21 7.09 -21.58
C GLY B 565 28.69 6.92 -21.86
N PRO B 566 29.17 5.68 -22.13
CA PRO B 566 30.62 5.50 -22.41
C PRO B 566 31.09 6.15 -23.71
N ASP B 567 30.21 6.20 -24.72
CA ASP B 567 30.47 6.80 -26.04
C ASP B 567 30.53 8.34 -25.97
N GLY B 568 29.85 8.93 -25.00
CA GLY B 568 29.73 10.37 -24.80
C GLY B 568 28.32 10.85 -25.02
N LYS B 569 27.59 10.18 -25.93
CA LYS B 569 26.20 10.48 -26.27
C LYS B 569 25.28 9.85 -25.21
N PRO B 570 24.27 10.56 -24.67
CA PRO B 570 23.38 9.93 -23.68
C PRO B 570 22.55 8.82 -24.31
N LEU B 571 22.71 7.59 -23.81
CA LEU B 571 22.04 6.39 -24.33
C LEU B 571 20.52 6.41 -24.17
N ALA B 572 20.00 7.06 -23.12
CA ALA B 572 18.57 7.18 -22.85
C ALA B 572 18.25 8.42 -22.02
N ASP B 573 16.98 8.86 -22.07
CA ASP B 573 16.48 10.00 -21.29
C ASP B 573 16.10 9.56 -19.89
N LEU B 574 16.08 10.52 -18.95
CA LEU B 574 15.70 10.30 -17.57
C LEU B 574 14.17 10.15 -17.49
N GLY B 575 13.71 9.34 -16.54
CA GLY B 575 12.29 9.05 -16.34
C GLY B 575 12.02 7.63 -15.88
N TRP B 576 10.76 7.19 -15.93
CA TRP B 576 10.37 5.84 -15.50
C TRP B 576 10.51 4.74 -16.56
N GLN B 577 10.74 5.13 -17.83
CA GLN B 577 10.85 4.24 -19.00
C GLN B 577 11.90 3.13 -18.88
N VAL B 578 13.18 3.50 -18.66
CA VAL B 578 14.30 2.56 -18.52
C VAL B 578 14.12 1.69 -17.27
N GLY B 579 13.62 2.32 -16.19
CA GLY B 579 13.35 1.66 -14.92
C GLY B 579 12.37 0.52 -15.03
N VAL B 580 11.24 0.72 -15.77
CA VAL B 580 10.22 -0.31 -15.97
C VAL B 580 10.75 -1.47 -16.85
N ILE B 581 11.70 -1.18 -17.76
CA ILE B 581 12.34 -2.19 -18.61
C ILE B 581 13.23 -3.05 -17.70
N LEU B 582 14.10 -2.40 -16.91
CA LEU B 582 15.01 -3.04 -15.96
C LEU B 582 14.27 -3.85 -14.90
N HIS B 583 13.12 -3.33 -14.42
CA HIS B 583 12.25 -3.98 -13.42
C HIS B 583 11.80 -5.38 -13.87
N HIS B 584 11.62 -5.59 -15.19
CA HIS B 584 11.20 -6.86 -15.79
C HIS B 584 12.36 -7.68 -16.37
N VAL B 585 13.30 -7.02 -17.12
CA VAL B 585 14.44 -7.68 -17.78
C VAL B 585 15.50 -8.28 -16.84
N LEU B 586 15.72 -7.65 -15.67
CA LEU B 586 16.71 -8.09 -14.70
C LEU B 586 16.37 -9.41 -14.00
N PHE B 587 15.07 -9.75 -13.91
CA PHE B 587 14.64 -11.03 -13.34
C PHE B 587 14.76 -12.05 -14.49
N THR B 588 16.00 -12.53 -14.72
CA THR B 588 16.41 -13.45 -15.78
C THR B 588 15.46 -14.61 -16.08
N GLU B 589 15.18 -15.47 -15.07
CA GLU B 589 14.28 -16.62 -15.20
C GLU B 589 12.85 -16.22 -15.58
N GLU B 590 12.29 -15.21 -14.89
CA GLU B 590 10.93 -14.72 -15.13
C GLU B 590 10.78 -14.00 -16.48
N TRP B 591 11.80 -13.21 -16.91
CA TRP B 591 11.79 -12.50 -18.19
C TRP B 591 11.89 -13.48 -19.37
N GLY B 592 12.77 -14.47 -19.24
CA GLY B 592 12.99 -15.51 -20.25
C GLY B 592 11.74 -16.29 -20.59
N ARG B 593 10.91 -16.59 -19.57
CA ARG B 593 9.65 -17.33 -19.73
C ARG B 593 8.58 -16.50 -20.45
N THR B 594 8.31 -15.28 -19.97
CA THR B 594 7.29 -14.39 -20.53
C THR B 594 7.65 -13.78 -21.90
N ALA B 595 8.91 -13.35 -22.07
CA ALA B 595 9.36 -12.70 -23.31
C ALA B 595 9.81 -13.65 -24.42
N TYR B 596 10.42 -14.80 -24.07
CA TYR B 596 10.93 -15.74 -25.08
C TYR B 596 10.23 -17.09 -25.16
N GLU B 597 9.93 -17.74 -24.01
CA GLU B 597 9.23 -19.03 -23.99
C GLU B 597 7.78 -18.86 -24.47
N ALA B 598 7.06 -17.87 -23.90
CA ALA B 598 5.70 -17.56 -24.30
C ALA B 598 5.74 -16.67 -25.55
N GLY B 599 6.29 -15.46 -25.40
CA GLY B 599 6.47 -14.47 -26.46
C GLY B 599 5.21 -14.10 -27.23
N TYR B 600 5.38 -13.65 -28.48
CA TYR B 600 4.29 -13.26 -29.38
C TYR B 600 3.50 -14.49 -29.83
N SER B 601 4.12 -15.69 -29.72
CA SER B 601 3.55 -16.99 -30.07
C SER B 601 2.39 -17.38 -29.15
N HIS B 602 2.27 -16.71 -27.98
CA HIS B 602 1.19 -16.90 -27.01
C HIS B 602 -0.11 -16.32 -27.59
N ASN B 603 -0.02 -15.28 -28.42
CA ASN B 603 -1.16 -14.60 -29.04
C ASN B 603 -1.70 -15.30 -30.31
N LEU B 604 -1.06 -16.41 -30.77
CA LEU B 604 -1.49 -17.17 -31.94
C LEU B 604 -2.85 -17.82 -31.73
N GLU B 605 -3.84 -17.44 -32.56
CA GLU B 605 -5.22 -17.92 -32.48
C GLU B 605 -5.52 -18.92 -33.59
O1A AU1 C . -5.64 -9.15 21.93
PA AU1 C . -6.32 -9.49 20.63
O2A AU1 C . -7.83 -9.57 20.75
N3A AU1 C . -6.01 -8.11 19.59
PB AU1 C . -6.74 -7.96 18.00
O2B AU1 C . -5.66 -7.34 17.14
O1B AU1 C . -7.93 -7.06 18.20
O3B AU1 C . -7.10 -9.37 17.59
O5' AU1 C . -5.71 -10.67 19.90
MG MG D . -5.59 -11.01 17.43
O1A AU1 E . 2.30 13.87 -19.23
O1A AU1 E . 2.18 14.01 -19.19
PA AU1 E . 3.38 13.73 -18.18
PA AU1 E . 3.30 13.64 -18.24
O2A AU1 E . 4.22 12.48 -18.18
O2A AU1 E . 3.85 12.23 -18.30
N3A AU1 E . 2.62 13.93 -16.62
N3A AU1 E . 2.70 13.94 -16.62
PB AU1 E . 2.53 12.70 -15.38
PB AU1 E . 2.70 12.74 -15.34
O2B AU1 E . 3.81 11.91 -15.45
O2B AU1 E . 4.04 12.04 -15.43
O1B AU1 E . 1.29 11.91 -15.71
O1B AU1 E . 1.52 11.86 -15.66
O3B AU1 E . 2.41 13.51 -14.11
O3B AU1 E . 2.52 13.54 -14.07
O5' AU1 E . 4.42 14.96 -18.36
O5' AU1 E . 4.55 14.63 -18.47
C5' AU1 E . 4.62 15.62 -19.60
C5' AU1 E . 4.70 15.42 -19.66
C4' AU1 E . 5.58 16.79 -19.41
C4' AU1 E . 5.10 16.84 -19.28
C3' AU1 E . 4.85 18.13 -19.34
C3' AU1 E . 4.29 17.88 -20.04
O3' AU1 E . 5.08 18.73 -18.06
O3' AU1 E . 3.24 18.39 -19.23
C2' AU1 E . 5.45 18.99 -20.46
C2' AU1 E . 5.30 18.96 -20.42
O2' AU1 E . 5.88 20.27 -19.98
O2' AU1 E . 5.25 20.07 -19.51
C1' AU1 E . 6.65 18.19 -20.97
C1' AU1 E . 6.67 18.29 -20.31
O4' AU1 E . 6.49 16.84 -20.51
O4' AU1 E . 6.48 17.06 -19.60
N9 AU1 E . 6.84 18.22 -22.44
N9 AU1 E . 7.37 18.02 -21.60
C4 AU1 E . 7.99 17.94 -23.05
C4 AU1 E . 6.96 18.21 -22.88
C5 AU1 E . 7.75 18.08 -24.50
C5 AU1 E . 8.08 17.77 -23.74
N7 AU1 E . 6.45 18.42 -24.64
N7 AU1 E . 9.06 17.35 -22.92
C8 AU1 E . 5.91 18.50 -23.39
C8 AU1 E . 8.61 17.51 -21.65
N3 AU1 E . 9.25 17.60 -22.64
N3 AU1 E . 5.84 18.68 -23.50
C2 AU1 E . 10.24 17.40 -23.53
C2 AU1 E . 5.73 18.75 -24.84
N1 AU1 E . 10.08 17.50 -24.87
N1 AU1 E . 6.72 18.36 -25.67
C6 AU1 E . 8.89 17.83 -25.43
C6 AU1 E . 7.90 17.87 -25.22
N6 AU1 E . 8.76 17.94 -26.76
N6 AU1 E . 8.88 17.48 -26.07
MG MG F . 4.83 10.58 -17.30
#